data_1VM6
#
_entry.id   1VM6
#
_cell.length_a   133.077
_cell.length_b   109.217
_cell.length_c   112.602
_cell.angle_alpha   90.00
_cell.angle_beta   119.23
_cell.angle_gamma   90.00
#
_symmetry.space_group_name_H-M   'C 1 2 1'
#
loop_
_entity.id
_entity.type
_entity.pdbx_description
1 polymer 'Dihydrodipicolinate reductase'
2 non-polymer 'ACETATE ION'
3 non-polymer NICOTINAMIDE-ADENINE-DINUCLEOTIDE
4 non-polymer 'TETRAETHYLENE GLYCOL'
5 non-polymer 1,2-ETHANEDIOL
6 water water
#
_entity_poly.entity_id   1
_entity_poly.type   'polypeptide(L)'
_entity_poly.pdbx_seq_one_letter_code
;MGSDKIHHHHHHMKYGIVGYSGRMGQEIQKVFSEKGHELVLKVDVNGVEELDSPDVVIDFSSPEALPKTVDLCKKYRAGL
VLGTTALKEEHLQMLRELSKEVPVVQAYNFSIGINVLKRFLSELVKVLEDWDVEIVETHHRFKKDAPSGTAILLESALGK
SVPIHSLRVGGVPGDHVVVFGNIGETIEIKHRAISRTVFAIGALKAAEFLVGKDPGMYSFEEVIFGGE
;
_entity_poly.pdbx_strand_id   A,B,C,D
#
loop_
_chem_comp.id
_chem_comp.type
_chem_comp.name
_chem_comp.formula
ACT non-polymer 'ACETATE ION' 'C2 H3 O2 -1'
EDO non-polymer 1,2-ETHANEDIOL 'C2 H6 O2'
NAD non-polymer NICOTINAMIDE-ADENINE-DINUCLEOTIDE 'C21 H27 N7 O14 P2'
PG4 non-polymer 'TETRAETHYLENE GLYCOL' 'C8 H18 O5'
#
# COMPACT_ATOMS: atom_id res chain seq x y z
N HIS A 12 20.45 26.19 -26.66
CA HIS A 12 19.85 25.55 -27.88
C HIS A 12 20.86 24.57 -28.48
N MET A 13 20.42 23.34 -28.71
CA MET A 13 21.29 22.22 -29.04
C MET A 13 20.80 21.53 -30.29
N LYS A 14 21.76 20.96 -31.04
CA LYS A 14 21.44 19.95 -32.04
C LYS A 14 21.69 18.61 -31.38
N TYR A 15 20.77 17.67 -31.56
CA TYR A 15 20.92 16.39 -30.91
C TYR A 15 20.45 15.24 -31.80
N GLY A 16 20.92 14.04 -31.47
CA GLY A 16 20.47 12.81 -32.13
C GLY A 16 19.77 11.93 -31.12
N ILE A 17 18.95 11.01 -31.62
CA ILE A 17 18.33 9.98 -30.79
C ILE A 17 18.56 8.61 -31.43
N VAL A 18 19.19 7.71 -30.68
CA VAL A 18 19.19 6.29 -31.00
C VAL A 18 18.01 5.68 -30.26
N GLY A 19 17.13 5.05 -31.01
CA GLY A 19 15.86 4.57 -30.48
C GLY A 19 14.76 5.59 -30.66
N TYR A 20 14.83 6.42 -31.71
CA TYR A 20 13.94 7.58 -31.83
C TYR A 20 12.47 7.17 -31.94
N SER A 21 12.24 5.99 -32.51
CA SER A 21 10.90 5.47 -32.76
C SER A 21 10.26 4.77 -31.55
N GLY A 22 11.07 4.39 -30.57
CA GLY A 22 10.56 3.68 -29.40
C GLY A 22 9.84 4.55 -28.39
N ARG A 23 9.37 3.92 -27.32
CA ARG A 23 8.64 4.60 -26.25
C ARG A 23 9.47 5.76 -25.68
N MET A 24 10.68 5.47 -25.26
CA MET A 24 11.56 6.50 -24.71
C MET A 24 11.96 7.55 -25.77
N GLY A 25 12.23 7.10 -27.00
CA GLY A 25 12.60 7.96 -28.10
C GLY A 25 11.60 9.05 -28.41
N GLN A 26 10.33 8.70 -28.37
CA GLN A 26 9.26 9.66 -28.62
C GLN A 26 9.05 10.64 -27.48
N GLU A 27 9.29 10.17 -26.26
CA GLU A 27 9.27 11.03 -25.09
C GLU A 27 10.40 12.05 -25.14
N ILE A 28 11.56 11.61 -25.58
CA ILE A 28 12.73 12.47 -25.68
C ILE A 28 12.53 13.58 -26.71
N GLN A 29 11.96 13.24 -27.86
CA GLN A 29 11.64 14.23 -28.88
C GLN A 29 10.70 15.32 -28.38
N LYS A 30 9.70 14.92 -27.60
CA LYS A 30 8.72 15.87 -27.08
C LYS A 30 9.39 16.83 -26.12
N VAL A 31 10.14 16.30 -25.18
CA VAL A 31 10.77 17.08 -24.11
C VAL A 31 11.86 18.02 -24.67
N PHE A 32 12.66 17.50 -25.58
CA PHE A 32 13.75 18.27 -26.19
C PHE A 32 13.23 19.35 -27.14
N SER A 33 12.24 19.02 -27.97
CA SER A 33 11.66 20.01 -28.87
C SER A 33 10.93 21.13 -28.11
N GLU A 34 10.30 20.81 -26.98
CA GLU A 34 9.68 21.83 -26.14
C GLU A 34 10.69 22.83 -25.59
N LYS A 35 11.93 22.42 -25.37
CA LYS A 35 12.97 23.35 -24.91
C LYS A 35 13.68 24.02 -26.09
N GLY A 36 13.21 23.77 -27.30
CA GLY A 36 13.77 24.38 -28.49
C GLY A 36 15.05 23.76 -29.01
N HIS A 37 15.26 22.48 -28.71
CA HIS A 37 16.41 21.76 -29.29
C HIS A 37 16.02 21.09 -30.60
N GLU A 38 17.00 20.87 -31.46
CA GLU A 38 16.81 20.46 -32.83
C GLU A 38 17.29 19.03 -33.09
N LEU A 39 16.38 18.17 -33.57
CA LEU A 39 16.71 16.78 -33.86
C LEU A 39 17.36 16.69 -35.23
N VAL A 40 18.62 16.27 -35.27
CA VAL A 40 19.42 16.25 -36.51
C VAL A 40 19.91 14.85 -36.91
N LEU A 41 19.51 13.84 -36.14
CA LEU A 41 19.99 12.48 -36.34
C LEU A 41 19.00 11.49 -35.73
N LYS A 42 18.54 10.55 -36.53
CA LYS A 42 17.58 9.55 -36.09
C LYS A 42 18.12 8.18 -36.39
N VAL A 43 18.18 7.33 -35.37
CA VAL A 43 18.59 5.95 -35.52
C VAL A 43 17.58 5.01 -34.84
N ASP A 44 17.20 3.96 -35.56
CA ASP A 44 16.41 2.88 -34.97
C ASP A 44 16.77 1.61 -35.74
N VAL A 45 16.04 0.52 -35.50
CA VAL A 45 16.39 -0.78 -36.09
C VAL A 45 16.31 -0.80 -37.64
N ASN A 46 15.57 0.15 -38.23
CA ASN A 46 15.36 0.19 -39.67
C ASN A 46 16.35 1.08 -40.42
N GLY A 47 17.12 1.91 -39.69
CA GLY A 47 18.20 2.64 -40.33
C GLY A 47 18.72 3.85 -39.59
N VAL A 48 19.59 4.59 -40.26
CA VAL A 48 20.18 5.81 -39.74
C VAL A 48 19.82 6.97 -40.67
N GLU A 49 19.50 8.12 -40.09
CA GLU A 49 19.15 9.31 -40.85
C GLU A 49 19.94 10.49 -40.29
N GLU A 50 20.96 10.92 -41.04
CA GLU A 50 21.87 11.99 -40.61
C GLU A 50 21.48 13.26 -41.34
N LEU A 51 20.97 14.24 -40.62
CA LEU A 51 20.50 15.48 -41.23
C LEU A 51 21.52 16.63 -41.05
N ASP A 52 22.18 16.63 -39.89
CA ASP A 52 23.14 17.67 -39.52
C ASP A 52 23.99 17.07 -38.40
N SER A 53 25.00 17.81 -37.95
CA SER A 53 25.90 17.31 -36.91
C SER A 53 25.34 17.60 -35.50
N PRO A 54 25.07 16.53 -34.70
CA PRO A 54 24.56 16.71 -33.33
C PRO A 54 25.66 17.09 -32.37
N ASP A 55 25.30 17.90 -31.37
CA ASP A 55 26.17 18.25 -30.26
C ASP A 55 26.17 17.11 -29.22
N VAL A 56 25.02 16.44 -29.10
CA VAL A 56 24.85 15.37 -28.13
C VAL A 56 23.96 14.28 -28.74
N VAL A 57 24.22 13.02 -28.38
CA VAL A 57 23.36 11.94 -28.79
C VAL A 57 22.72 11.33 -27.56
N ILE A 58 21.43 10.99 -27.70
CA ILE A 58 20.64 10.36 -26.64
C ILE A 58 20.26 8.95 -27.09
N ASP A 59 20.66 7.93 -26.33
CA ASP A 59 20.44 6.54 -26.71
C ASP A 59 19.63 5.77 -25.66
N PHE A 60 18.36 5.51 -25.99
CA PHE A 60 17.49 4.55 -25.27
C PHE A 60 16.95 3.56 -26.29
N SER A 61 17.69 2.50 -26.53
CA SER A 61 17.38 1.57 -27.61
C SER A 61 17.57 0.12 -27.17
N SER A 62 18.71 -0.45 -27.52
CA SER A 62 19.03 -1.85 -27.27
C SER A 62 20.56 -1.93 -27.21
N PRO A 63 21.11 -2.85 -26.39
CA PRO A 63 22.57 -2.99 -26.36
C PRO A 63 23.22 -3.25 -27.75
N GLU A 64 22.50 -3.91 -28.65
CA GLU A 64 23.01 -4.21 -30.01
C GLU A 64 23.19 -2.97 -30.88
N ALA A 65 22.50 -1.90 -30.51
CA ALA A 65 22.60 -0.59 -31.19
C ALA A 65 23.82 0.24 -30.77
N LEU A 66 24.41 -0.11 -29.62
CA LEU A 66 25.52 0.65 -29.03
C LEU A 66 26.72 0.86 -29.96
N PRO A 67 27.16 -0.18 -30.67
CA PRO A 67 28.26 0.01 -31.64
C PRO A 67 28.05 1.17 -32.61
N LYS A 68 26.85 1.30 -33.15
CA LYS A 68 26.52 2.37 -34.09
C LYS A 68 26.51 3.71 -33.36
N THR A 69 25.91 3.71 -32.17
CA THR A 69 25.84 4.89 -31.31
C THR A 69 27.24 5.46 -31.05
N VAL A 70 28.16 4.59 -30.65
CA VAL A 70 29.56 4.95 -30.41
C VAL A 70 30.24 5.54 -31.65
N ASP A 71 30.09 4.87 -32.79
CA ASP A 71 30.66 5.33 -34.05
C ASP A 71 30.16 6.72 -34.43
N LEU A 72 28.86 6.94 -34.26
CA LEU A 72 28.28 8.24 -34.56
C LEU A 72 28.83 9.32 -33.64
N CYS A 73 28.92 9.05 -32.35
CA CYS A 73 29.45 10.02 -31.40
C CYS A 73 30.90 10.38 -31.72
N LYS A 74 31.69 9.37 -32.10
CA LYS A 74 33.08 9.61 -32.54
C LYS A 74 33.13 10.46 -33.80
N LYS A 75 32.29 10.12 -34.77
CA LYS A 75 32.23 10.86 -36.02
C LYS A 75 31.98 12.35 -35.80
N TYR A 76 31.01 12.66 -34.93
CA TYR A 76 30.56 14.03 -34.74
C TYR A 76 31.16 14.69 -33.49
N ARG A 77 32.09 14.00 -32.84
CA ARG A 77 32.54 14.35 -31.49
C ARG A 77 31.42 14.83 -30.61
N ALA A 78 30.36 14.03 -30.54
CA ALA A 78 29.17 14.37 -29.80
C ALA A 78 29.18 13.65 -28.45
N GLY A 79 28.77 14.35 -27.40
CA GLY A 79 28.55 13.70 -26.10
C GLY A 79 27.47 12.63 -26.19
N LEU A 80 27.41 11.74 -25.20
CA LEU A 80 26.39 10.70 -25.20
C LEU A 80 25.68 10.64 -23.85
N VAL A 81 24.34 10.65 -23.93
CA VAL A 81 23.47 10.30 -22.82
C VAL A 81 22.87 8.94 -23.10
N LEU A 82 23.27 7.93 -22.31
CA LEU A 82 22.90 6.54 -22.58
C LEU A 82 22.02 5.99 -21.46
N GLY A 83 20.81 5.58 -21.84
CA GLY A 83 19.89 4.96 -20.91
C GLY A 83 19.62 3.49 -21.17
N THR A 84 20.02 2.96 -22.32
CA THR A 84 19.85 1.55 -22.60
C THR A 84 20.31 0.66 -21.42
N THR A 85 19.49 -0.34 -21.07
CA THR A 85 19.83 -1.26 -19.99
C THR A 85 20.32 -2.59 -20.55
N ALA A 86 20.68 -3.50 -19.66
CA ALA A 86 21.16 -4.85 -20.02
C ALA A 86 22.47 -4.78 -20.81
N LEU A 87 23.28 -3.78 -20.49
CA LEU A 87 24.62 -3.67 -21.09
C LEU A 87 25.54 -4.76 -20.53
N LYS A 88 26.44 -5.27 -21.37
CA LYS A 88 27.37 -6.32 -20.97
C LYS A 88 28.75 -5.74 -20.89
N GLU A 89 29.72 -6.51 -20.40
CA GLU A 89 31.09 -6.03 -20.23
C GLU A 89 31.63 -5.39 -21.51
N GLU A 90 31.39 -6.05 -22.65
CA GLU A 90 31.74 -5.51 -23.96
C GLU A 90 31.19 -4.13 -24.24
N HIS A 91 29.96 -3.88 -23.83
CA HIS A 91 29.31 -2.60 -24.09
C HIS A 91 29.97 -1.52 -23.23
N LEU A 92 30.30 -1.86 -21.98
CA LEU A 92 30.95 -0.97 -21.05
C LEU A 92 32.35 -0.59 -21.57
N GLN A 93 33.04 -1.56 -22.16
CA GLN A 93 34.37 -1.33 -22.77
C GLN A 93 34.33 -0.35 -23.93
N MET A 94 33.35 -0.51 -24.82
CA MET A 94 33.19 0.43 -25.93
C MET A 94 32.91 1.84 -25.43
N LEU A 95 32.11 1.91 -24.37
CA LEU A 95 31.69 3.16 -23.77
C LEU A 95 32.85 3.89 -23.10
N ARG A 96 33.72 3.14 -22.43
CA ARG A 96 34.94 3.69 -21.87
C ARG A 96 35.82 4.28 -22.97
N GLU A 97 35.96 3.55 -24.06
CA GLU A 97 36.80 3.96 -25.18
C GLU A 97 36.25 5.27 -25.76
N LEU A 98 34.94 5.32 -25.91
CA LEU A 98 34.30 6.53 -26.39
C LEU A 98 34.56 7.71 -25.45
N SER A 99 34.51 7.46 -24.14
CA SER A 99 34.59 8.52 -23.14
C SER A 99 35.99 9.15 -23.03
N LYS A 100 36.98 8.59 -23.73
CA LYS A 100 38.29 9.21 -23.84
C LYS A 100 38.22 10.39 -24.82
N GLU A 101 37.20 10.40 -25.70
CA GLU A 101 37.04 11.41 -26.76
C GLU A 101 35.96 12.44 -26.42
N VAL A 102 34.86 11.99 -25.79
CA VAL A 102 33.69 12.84 -25.54
C VAL A 102 33.19 12.67 -24.11
N PRO A 103 32.38 13.62 -23.60
CA PRO A 103 31.73 13.38 -22.33
C PRO A 103 30.54 12.43 -22.44
N VAL A 104 30.40 11.53 -21.47
CA VAL A 104 29.35 10.52 -21.47
C VAL A 104 28.65 10.47 -20.11
N VAL A 105 27.31 10.38 -20.13
CA VAL A 105 26.50 10.06 -18.94
C VAL A 105 25.70 8.82 -19.23
N GLN A 106 26.04 7.73 -18.53
CA GLN A 106 25.35 6.47 -18.64
C GLN A 106 24.63 6.25 -17.31
N ALA A 107 23.35 5.88 -17.39
CA ALA A 107 22.57 5.57 -16.21
C ALA A 107 21.45 4.60 -16.57
N TYR A 108 21.17 3.68 -15.64
CA TYR A 108 20.08 2.73 -15.77
C TYR A 108 18.76 3.33 -15.25
N ASN A 109 18.83 4.52 -14.68
CA ASN A 109 17.65 5.25 -14.25
C ASN A 109 17.93 6.75 -14.28
N PHE A 110 17.11 7.49 -15.02
CA PHE A 110 17.25 8.95 -15.09
C PHE A 110 16.28 9.79 -14.23
N SER A 111 15.81 9.26 -13.13
CA SER A 111 14.88 9.95 -12.23
C SER A 111 15.66 10.57 -11.08
N ILE A 112 15.16 11.64 -10.50
CA ILE A 112 15.78 12.21 -9.31
C ILE A 112 15.71 11.21 -8.17
N GLY A 113 14.51 10.66 -7.95
CA GLY A 113 14.20 9.86 -6.77
C GLY A 113 15.07 8.63 -6.59
N ILE A 114 15.29 7.89 -7.66
CA ILE A 114 16.13 6.70 -7.56
C ILE A 114 17.59 7.06 -7.21
N ASN A 115 18.09 8.13 -7.80
CA ASN A 115 19.48 8.52 -7.58
C ASN A 115 19.69 9.16 -6.20
N VAL A 116 18.64 9.75 -5.64
CA VAL A 116 18.66 10.20 -4.25
C VAL A 116 18.59 9.00 -3.30
N LEU A 117 17.70 8.05 -3.59
CA LEU A 117 17.53 6.89 -2.73
C LEU A 117 18.74 6.00 -2.70
N LYS A 118 19.44 5.84 -3.82
CA LYS A 118 20.56 4.88 -3.87
C LYS A 118 21.59 5.26 -2.82
N ARG A 119 21.87 6.55 -2.73
CA ARG A 119 22.79 7.03 -1.70
C ARG A 119 22.25 6.80 -0.26
N PHE A 120 20.96 7.01 -0.08
CA PHE A 120 20.32 6.81 1.21
C PHE A 120 20.27 5.34 1.61
N LEU A 121 20.11 4.44 0.63
CA LEU A 121 20.10 3.01 0.91
C LEU A 121 21.47 2.47 1.29
N SER A 122 22.55 3.07 0.75
CA SER A 122 23.93 2.70 1.10
C SER A 122 24.17 2.93 2.57
N GLU A 123 23.61 4.00 3.11
CA GLU A 123 23.76 4.30 4.54
C GLU A 123 22.80 3.48 5.37
N LEU A 124 21.57 3.38 4.92
CA LEU A 124 20.56 2.66 5.69
C LEU A 124 20.88 1.16 5.87
N VAL A 125 21.45 0.53 4.84
CA VAL A 125 21.80 -0.89 4.93
C VAL A 125 22.89 -1.15 5.99
N LYS A 126 23.77 -0.16 6.21
CA LYS A 126 24.83 -0.26 7.23
C LYS A 126 24.23 -0.26 8.63
N VAL A 127 23.17 0.51 8.82
CA VAL A 127 22.50 0.59 10.11
C VAL A 127 21.61 -0.61 10.34
N LEU A 128 21.02 -1.14 9.27
CA LEU A 128 20.11 -2.30 9.34
C LEU A 128 20.77 -3.54 8.75
N GLU A 129 22.02 -3.75 9.13
CA GLU A 129 22.88 -4.82 8.59
C GLU A 129 22.30 -6.21 8.84
N ASP A 130 21.68 -6.38 10.00
CA ASP A 130 21.12 -7.69 10.38
C ASP A 130 19.64 -7.85 10.03
N TRP A 131 19.07 -6.93 9.25
CA TRP A 131 17.69 -7.06 8.76
C TRP A 131 17.76 -7.74 7.40
N ASP A 132 16.79 -8.58 7.09
CA ASP A 132 16.70 -9.24 5.79
C ASP A 132 16.26 -8.23 4.76
N VAL A 133 16.76 -8.33 3.54
CA VAL A 133 16.45 -7.37 2.49
C VAL A 133 16.16 -8.09 1.17
N GLU A 134 15.09 -7.67 0.51
CA GLU A 134 14.76 -8.11 -0.83
C GLU A 134 14.24 -6.91 -1.62
N ILE A 135 14.23 -7.08 -2.94
CA ILE A 135 13.72 -6.05 -3.86
C ILE A 135 12.54 -6.58 -4.67
N VAL A 136 11.48 -5.78 -4.79
CA VAL A 136 10.38 -6.09 -5.70
C VAL A 136 10.31 -4.97 -6.73
N GLU A 137 10.45 -5.34 -8.00
CA GLU A 137 10.33 -4.38 -9.11
C GLU A 137 9.23 -4.77 -10.09
N THR A 138 8.53 -3.75 -10.59
CA THR A 138 7.40 -3.92 -11.47
C THR A 138 7.52 -3.01 -12.67
N HIS A 139 7.39 -3.60 -13.86
CA HIS A 139 7.41 -2.89 -15.12
C HIS A 139 6.35 -3.46 -16.05
N HIS A 140 6.06 -2.67 -17.09
CA HIS A 140 5.11 -3.04 -18.12
C HIS A 140 5.43 -4.39 -18.77
N ARG A 141 4.39 -5.00 -19.30
CA ARG A 141 4.43 -6.38 -19.82
C ARG A 141 5.45 -6.63 -20.90
N PHE A 142 5.84 -5.61 -21.64
CA PHE A 142 6.78 -5.78 -22.76
C PHE A 142 8.24 -5.61 -22.41
N LYS A 143 8.58 -5.29 -21.17
CA LYS A 143 9.96 -5.02 -20.83
C LYS A 143 10.76 -6.31 -21.07
N LYS A 144 11.80 -6.18 -21.88
CA LYS A 144 12.57 -7.35 -22.31
C LYS A 144 13.54 -7.89 -21.24
N ASP A 145 14.08 -6.99 -20.40
CA ASP A 145 15.09 -7.38 -19.43
C ASP A 145 14.55 -7.53 -17.99
N ALA A 146 14.88 -8.65 -17.34
CA ALA A 146 14.62 -8.85 -15.93
C ALA A 146 15.84 -9.49 -15.26
N PRO A 147 16.27 -8.99 -14.09
CA PRO A 147 15.68 -7.85 -13.36
C PRO A 147 16.03 -6.54 -14.06
N SER A 148 15.28 -5.49 -13.74
CA SER A 148 15.55 -4.15 -14.26
C SER A 148 16.95 -3.64 -13.88
N GLY A 149 17.49 -2.76 -14.72
CA GLY A 149 18.75 -2.10 -14.46
C GLY A 149 18.71 -1.33 -13.16
N THR A 150 17.56 -0.72 -12.87
CA THR A 150 17.37 0.01 -11.63
C THR A 150 17.45 -0.91 -10.38
N ALA A 151 16.89 -2.11 -10.49
CA ALA A 151 16.96 -3.12 -9.43
C ALA A 151 18.37 -3.53 -9.15
N ILE A 152 19.13 -3.71 -10.22
CA ILE A 152 20.58 -3.99 -10.17
C ILE A 152 21.37 -2.83 -9.56
N LEU A 153 21.03 -1.63 -9.94
CA LEU A 153 21.64 -0.43 -9.39
C LEU A 153 21.40 -0.34 -7.88
N LEU A 154 20.16 -0.60 -7.45
CA LEU A 154 19.78 -0.59 -6.03
C LEU A 154 20.50 -1.67 -5.24
N GLU A 155 20.59 -2.87 -5.81
CA GLU A 155 21.34 -3.99 -5.20
C GLU A 155 22.79 -3.60 -4.96
N SER A 156 23.36 -2.89 -5.92
CA SER A 156 24.72 -2.42 -5.81
C SER A 156 24.88 -1.36 -4.70
N ALA A 157 23.92 -0.45 -4.56
CA ALA A 157 23.89 0.50 -3.43
C ALA A 157 23.78 -0.18 -2.07
N LEU A 158 23.09 -1.31 -2.03
CA LEU A 158 22.98 -2.13 -0.81
C LEU A 158 24.26 -2.89 -0.48
N GLY A 159 25.21 -2.93 -1.41
CA GLY A 159 26.55 -3.48 -1.15
C GLY A 159 26.55 -4.99 -0.99
N LYS A 160 25.49 -5.65 -1.44
CA LYS A 160 25.43 -7.11 -1.40
C LYS A 160 24.34 -7.61 -2.33
N SER A 161 24.43 -8.90 -2.64
CA SER A 161 23.46 -9.60 -3.44
C SER A 161 22.20 -9.77 -2.62
N VAL A 162 21.08 -9.50 -3.26
CA VAL A 162 19.78 -9.54 -2.63
C VAL A 162 18.80 -10.17 -3.62
N PRO A 163 17.82 -10.94 -3.12
CA PRO A 163 16.73 -11.44 -3.99
C PRO A 163 15.98 -10.31 -4.68
N ILE A 164 15.88 -10.40 -6.01
CA ILE A 164 15.09 -9.47 -6.82
C ILE A 164 13.89 -10.21 -7.44
N HIS A 165 12.69 -9.67 -7.21
CA HIS A 165 11.44 -10.22 -7.76
C HIS A 165 10.92 -9.27 -8.82
N SER A 166 10.73 -9.77 -10.05
CA SER A 166 10.34 -8.95 -11.20
C SER A 166 8.94 -9.26 -11.71
N LEU A 167 8.03 -8.32 -11.58
CA LEU A 167 6.69 -8.42 -12.11
C LEU A 167 6.63 -7.71 -13.45
N ARG A 168 5.94 -8.32 -14.41
CA ARG A 168 5.80 -7.75 -15.75
C ARG A 168 4.32 -7.67 -16.05
N VAL A 169 3.75 -6.50 -15.73
CA VAL A 169 2.32 -6.32 -15.64
C VAL A 169 1.86 -5.03 -16.34
N GLY A 170 0.90 -5.15 -17.26
CA GLY A 170 0.20 -4.01 -17.85
C GLY A 170 1.10 -2.93 -18.44
N GLY A 171 0.88 -1.67 -18.04
CA GLY A 171 1.67 -0.54 -18.56
C GLY A 171 2.49 0.20 -17.52
N VAL A 172 2.85 -0.47 -16.43
CA VAL A 172 3.56 0.17 -15.32
C VAL A 172 4.87 0.77 -15.83
N PRO A 173 5.03 2.13 -15.77
CA PRO A 173 6.30 2.75 -16.16
C PRO A 173 7.53 2.25 -15.40
N GLY A 174 7.41 2.03 -14.09
CA GLY A 174 8.50 1.48 -13.29
C GLY A 174 8.35 1.72 -11.79
N ASP A 175 8.14 0.63 -11.03
CA ASP A 175 8.14 0.68 -9.57
C ASP A 175 9.25 -0.18 -9.01
N HIS A 176 9.87 0.30 -7.93
CA HIS A 176 10.85 -0.44 -7.17
C HIS A 176 10.58 -0.32 -5.68
N VAL A 177 10.64 -1.44 -4.99
CA VAL A 177 10.46 -1.52 -3.54
C VAL A 177 11.63 -2.23 -2.91
N VAL A 178 12.28 -1.61 -1.93
CA VAL A 178 13.28 -2.29 -1.11
C VAL A 178 12.64 -2.58 0.24
N VAL A 179 12.56 -3.88 0.56
CA VAL A 179 11.94 -4.36 1.78
C VAL A 179 13.01 -4.81 2.76
N PHE A 180 13.04 -4.20 3.94
CA PHE A 180 13.90 -4.59 5.05
C PHE A 180 13.04 -5.19 6.13
N GLY A 181 13.45 -6.33 6.69
CA GLY A 181 12.70 -7.01 7.72
C GLY A 181 13.48 -7.53 8.90
N ASN A 182 12.92 -7.28 10.08
CA ASN A 182 13.35 -7.87 11.32
C ASN A 182 12.22 -8.67 11.94
N ILE A 183 12.51 -9.38 13.04
CA ILE A 183 11.47 -10.17 13.72
C ILE A 183 10.23 -9.33 14.12
N GLY A 184 10.44 -8.11 14.55
CA GLY A 184 9.38 -7.27 15.08
C GLY A 184 8.92 -6.13 14.20
N GLU A 185 9.58 -5.89 13.06
CA GLU A 185 9.26 -4.73 12.25
C GLU A 185 9.78 -4.83 10.83
N THR A 186 9.14 -4.04 9.96
CA THR A 186 9.45 -3.99 8.54
C THR A 186 9.55 -2.55 8.08
N ILE A 187 10.43 -2.31 7.12
CA ILE A 187 10.57 -1.03 6.46
C ILE A 187 10.55 -1.26 4.93
N GLU A 188 9.72 -0.49 4.24
CA GLU A 188 9.67 -0.48 2.79
C GLU A 188 10.02 0.90 2.26
N ILE A 189 10.95 0.92 1.31
CA ILE A 189 11.36 2.11 0.61
C ILE A 189 10.91 1.90 -0.85
N LYS A 190 9.89 2.65 -1.27
CA LYS A 190 9.30 2.48 -2.59
C LYS A 190 9.49 3.73 -3.46
N HIS A 191 9.84 3.49 -4.71
CA HIS A 191 9.87 4.52 -5.71
C HIS A 191 8.93 4.17 -6.88
N ARG A 192 8.18 5.16 -7.35
CA ARG A 192 7.28 5.02 -8.49
C ARG A 192 7.59 6.13 -9.52
N ALA A 193 7.89 5.70 -10.74
CA ALA A 193 7.90 6.57 -11.89
C ALA A 193 6.46 6.74 -12.36
N ILE A 194 5.94 7.97 -12.25
CA ILE A 194 4.59 8.23 -12.68
C ILE A 194 4.40 8.12 -14.21
N SER A 195 5.30 8.68 -14.99
CA SER A 195 5.30 8.46 -16.43
C SER A 195 6.72 8.34 -16.93
N ARG A 196 6.87 7.88 -18.16
CA ARG A 196 8.16 7.82 -18.83
C ARG A 196 8.77 9.20 -19.05
N THR A 197 7.95 10.24 -19.03
CA THR A 197 8.46 11.58 -19.23
C THR A 197 9.59 11.91 -18.25
N VAL A 198 9.49 11.39 -17.04
CA VAL A 198 10.45 11.69 -15.99
C VAL A 198 11.87 11.30 -16.37
N PHE A 199 12.00 10.23 -17.14
CA PHE A 199 13.31 9.76 -17.61
C PHE A 199 13.84 10.62 -18.75
N ALA A 200 12.94 11.12 -19.61
CA ALA A 200 13.30 11.99 -20.71
C ALA A 200 13.80 13.34 -20.20
N ILE A 201 13.14 13.84 -19.16
CA ILE A 201 13.54 15.06 -18.49
C ILE A 201 14.92 14.90 -17.83
N GLY A 202 15.17 13.74 -17.21
CA GLY A 202 16.49 13.44 -16.68
C GLY A 202 17.53 13.45 -17.78
N ALA A 203 17.21 12.81 -18.89
CA ALA A 203 18.12 12.76 -20.06
C ALA A 203 18.38 14.17 -20.60
N LEU A 204 17.37 15.04 -20.59
CA LEU A 204 17.60 16.43 -20.97
C LEU A 204 18.56 17.14 -19.99
N LYS A 205 18.34 16.98 -18.68
CA LYS A 205 19.27 17.57 -17.70
C LYS A 205 20.70 17.06 -17.96
N ALA A 206 20.83 15.77 -18.24
CA ALA A 206 22.13 15.17 -18.48
C ALA A 206 22.77 15.77 -19.74
N ALA A 207 21.98 15.94 -20.80
CA ALA A 207 22.47 16.49 -22.08
C ALA A 207 22.93 17.93 -21.96
N GLU A 208 22.21 18.73 -21.19
CA GLU A 208 22.60 20.11 -20.96
C GLU A 208 23.84 20.20 -20.06
N PHE A 209 23.94 19.33 -19.07
CA PHE A 209 25.11 19.22 -18.23
C PHE A 209 26.35 18.95 -19.10
N LEU A 210 26.26 17.97 -19.99
CA LEU A 210 27.37 17.51 -20.80
C LEU A 210 27.96 18.56 -21.73
N VAL A 211 27.12 19.45 -22.22
CA VAL A 211 27.59 20.47 -23.15
C VAL A 211 28.78 21.26 -22.59
N GLY A 212 29.89 21.24 -23.33
CA GLY A 212 31.08 21.99 -22.93
C GLY A 212 31.95 21.31 -21.88
N LYS A 213 31.55 20.13 -21.40
CA LYS A 213 32.32 19.44 -20.38
C LYS A 213 33.51 18.73 -20.99
N ASP A 214 34.54 18.53 -20.16
CA ASP A 214 35.70 17.72 -20.51
C ASP A 214 35.29 16.27 -20.73
N PRO A 215 36.07 15.52 -21.53
CA PRO A 215 35.77 14.10 -21.74
C PRO A 215 35.81 13.34 -20.42
N GLY A 216 35.04 12.27 -20.37
CA GLY A 216 35.04 11.35 -19.24
C GLY A 216 33.65 10.81 -18.95
N MET A 217 33.55 9.93 -17.97
CA MET A 217 32.24 9.45 -17.51
C MET A 217 31.77 10.27 -16.32
N TYR A 218 30.55 10.77 -16.41
CA TYR A 218 29.96 11.52 -15.33
C TYR A 218 28.75 10.73 -14.82
N SER A 219 28.61 10.64 -13.49
CA SER A 219 27.42 9.97 -12.95
C SER A 219 26.21 10.91 -13.03
N PHE A 220 25.03 10.32 -13.19
CA PHE A 220 23.82 11.14 -13.12
C PHE A 220 23.67 11.83 -11.75
N GLU A 221 24.25 11.26 -10.70
CA GLU A 221 24.24 11.92 -9.40
C GLU A 221 25.01 13.24 -9.46
N GLU A 222 26.11 13.26 -10.22
CA GLU A 222 26.87 14.48 -10.45
C GLU A 222 26.12 15.51 -11.28
N VAL A 223 25.33 15.00 -12.24
CA VAL A 223 24.46 15.85 -13.03
C VAL A 223 23.49 16.54 -12.08
N ILE A 224 22.92 15.81 -11.14
CA ILE A 224 21.95 16.37 -10.21
C ILE A 224 22.63 17.18 -9.12
N PHE A 225 23.94 16.95 -8.94
CA PHE A 225 24.72 17.23 -7.72
C PHE A 225 24.02 16.57 -6.52
N GLY A 226 24.43 15.35 -6.19
CA GLY A 226 23.77 14.60 -5.12
C GLY A 226 22.35 14.18 -5.45
N HIS B 8 -19.76 -1.05 -33.39
CA HIS B 8 -19.07 -0.60 -32.13
C HIS B 8 -18.40 0.77 -32.28
N HIS B 9 -17.72 1.00 -33.40
CA HIS B 9 -17.09 2.30 -33.63
C HIS B 9 -17.87 3.16 -34.60
N HIS B 10 -17.55 4.45 -34.61
CA HIS B 10 -18.20 5.45 -35.47
C HIS B 10 -17.13 6.16 -36.26
N HIS B 11 -17.45 6.53 -37.51
CA HIS B 11 -16.45 7.09 -38.40
C HIS B 11 -16.50 8.59 -38.32
N HIS B 12 -15.36 9.22 -38.09
CA HIS B 12 -15.26 10.68 -38.16
C HIS B 12 -16.45 11.35 -37.50
N MET B 13 -16.60 11.08 -36.22
CA MET B 13 -17.52 11.85 -35.40
C MET B 13 -17.07 13.29 -35.30
N LYS B 14 -18.04 14.20 -35.28
CA LYS B 14 -17.77 15.58 -34.91
C LYS B 14 -18.13 15.68 -33.47
N TYR B 15 -17.28 16.32 -32.68
CA TYR B 15 -17.51 16.38 -31.25
C TYR B 15 -17.11 17.73 -30.66
N GLY B 16 -17.67 18.01 -29.48
CA GLY B 16 -17.33 19.20 -28.73
C GLY B 16 -16.68 18.79 -27.43
N ILE B 17 -15.93 19.73 -26.83
CA ILE B 17 -15.41 19.55 -25.48
C ILE B 17 -15.68 20.77 -24.63
N VAL B 18 -16.37 20.52 -23.54
CA VAL B 18 -16.49 21.50 -22.46
C VAL B 18 -15.37 21.19 -21.49
N GLY B 19 -14.52 22.17 -21.29
CA GLY B 19 -13.29 21.95 -20.56
C GLY B 19 -12.13 21.65 -21.49
N TYR B 20 -12.17 22.17 -22.72
CA TYR B 20 -11.21 21.75 -23.76
C TYR B 20 -9.78 22.08 -23.37
N SER B 21 -9.59 23.17 -22.60
CA SER B 21 -8.26 23.67 -22.24
C SER B 21 -7.66 23.00 -21.02
N GLY B 22 -8.46 22.36 -20.20
CA GLY B 22 -7.96 21.72 -18.98
C GLY B 22 -7.19 20.43 -19.22
N ARG B 23 -6.75 19.81 -18.14
CA ARG B 23 -5.98 18.58 -18.18
C ARG B 23 -6.71 17.49 -18.93
N MET B 24 -7.94 17.21 -18.52
CA MET B 24 -8.73 16.19 -19.19
C MET B 24 -9.06 16.57 -20.65
N GLY B 25 -9.40 17.83 -20.87
CA GLY B 25 -9.77 18.31 -22.19
C GLY B 25 -8.69 18.04 -23.22
N GLN B 26 -7.45 18.31 -22.86
CA GLN B 26 -6.36 18.10 -23.79
C GLN B 26 -6.04 16.63 -24.04
N GLU B 27 -6.30 15.79 -23.05
CA GLU B 27 -6.18 14.36 -23.24
C GLU B 27 -7.26 13.84 -24.19
N ILE B 28 -8.47 14.37 -24.05
CA ILE B 28 -9.56 14.01 -24.93
C ILE B 28 -9.25 14.39 -26.36
N GLN B 29 -8.76 15.60 -26.59
CA GLN B 29 -8.40 16.00 -27.98
C GLN B 29 -7.39 15.05 -28.58
N LYS B 30 -6.41 14.63 -27.78
CA LYS B 30 -5.35 13.79 -28.30
C LYS B 30 -5.90 12.42 -28.69
N VAL B 31 -6.69 11.84 -27.81
CA VAL B 31 -7.27 10.50 -28.01
C VAL B 31 -8.28 10.49 -29.16
N PHE B 32 -9.17 11.49 -29.21
CA PHE B 32 -10.20 11.58 -30.26
C PHE B 32 -9.62 11.88 -31.63
N SER B 33 -8.67 12.82 -31.70
CA SER B 33 -8.02 13.15 -32.97
C SER B 33 -7.25 11.99 -33.55
N GLU B 34 -6.63 11.20 -32.67
CA GLU B 34 -5.91 9.99 -33.13
C GLU B 34 -6.85 8.98 -33.78
N LYS B 35 -8.10 8.95 -33.38
CA LYS B 35 -9.05 8.04 -34.00
C LYS B 35 -9.82 8.73 -35.12
N GLY B 36 -9.33 9.91 -35.53
CA GLY B 36 -9.87 10.61 -36.71
C GLY B 36 -11.16 11.36 -36.47
N HIS B 37 -11.45 11.71 -35.21
CA HIS B 37 -12.64 12.48 -34.91
C HIS B 37 -12.29 13.97 -34.91
N GLU B 38 -13.29 14.82 -35.19
CA GLU B 38 -13.09 16.24 -35.50
C GLU B 38 -13.71 17.12 -34.44
N LEU B 39 -12.89 18.00 -33.88
CA LEU B 39 -13.30 18.92 -32.83
C LEU B 39 -13.98 20.15 -33.46
N VAL B 40 -15.28 20.31 -33.20
CA VAL B 40 -16.07 21.38 -33.83
C VAL B 40 -16.67 22.40 -32.82
N LEU B 41 -16.36 22.24 -31.54
CA LEU B 41 -16.95 23.04 -30.48
C LEU B 41 -16.06 23.05 -29.24
N LYS B 42 -15.67 24.24 -28.81
CA LYS B 42 -14.77 24.37 -27.70
C LYS B 42 -15.37 25.31 -26.67
N VAL B 43 -15.50 24.83 -25.43
CA VAL B 43 -15.97 25.67 -24.32
C VAL B 43 -15.02 25.56 -23.15
N ASP B 44 -14.70 26.70 -22.56
CA ASP B 44 -13.96 26.76 -21.29
C ASP B 44 -14.38 28.03 -20.57
N VAL B 45 -13.73 28.40 -19.47
CA VAL B 45 -14.19 29.56 -18.68
C VAL B 45 -14.13 30.89 -19.44
N ASN B 46 -13.36 30.91 -20.52
CA ASN B 46 -13.16 32.15 -21.28
C ASN B 46 -14.13 32.32 -22.42
N GLY B 47 -14.82 31.26 -22.81
CA GLY B 47 -15.86 31.41 -23.82
C GLY B 47 -16.32 30.14 -24.50
N VAL B 48 -17.13 30.35 -25.53
CA VAL B 48 -17.65 29.30 -26.38
C VAL B 48 -17.20 29.56 -27.83
N GLU B 49 -16.81 28.51 -28.53
CA GLU B 49 -16.39 28.60 -29.90
C GLU B 49 -17.10 27.48 -30.66
N GLU B 50 -18.04 27.89 -31.51
CA GLU B 50 -18.88 26.97 -32.26
C GLU B 50 -18.44 26.97 -33.71
N LEU B 51 -17.81 25.89 -34.18
CA LEU B 51 -17.27 25.84 -35.55
C LEU B 51 -18.17 25.03 -36.51
N ASP B 52 -18.85 24.01 -35.96
CA ASP B 52 -19.72 23.13 -36.77
C ASP B 52 -20.60 22.39 -35.76
N SER B 53 -21.54 21.59 -36.22
CA SER B 53 -22.44 20.88 -35.34
C SER B 53 -21.83 19.55 -34.86
N PRO B 54 -21.66 19.43 -33.54
CA PRO B 54 -21.19 18.19 -32.94
C PRO B 54 -22.24 17.09 -32.89
N ASP B 55 -21.81 15.85 -33.10
CA ASP B 55 -22.64 14.67 -32.91
C ASP B 55 -22.72 14.34 -31.43
N VAL B 56 -21.65 14.66 -30.70
CA VAL B 56 -21.53 14.32 -29.31
C VAL B 56 -20.72 15.41 -28.60
N VAL B 57 -21.05 15.65 -27.34
CA VAL B 57 -20.27 16.57 -26.53
C VAL B 57 -19.67 15.82 -25.33
N ILE B 58 -18.41 16.17 -25.04
CA ILE B 58 -17.65 15.60 -23.93
C ILE B 58 -17.40 16.75 -22.93
N ASP B 59 -17.81 16.57 -21.69
CA ASP B 59 -17.64 17.61 -20.63
C ASP B 59 -16.86 17.07 -19.41
N PHE B 60 -15.61 17.53 -19.29
CA PHE B 60 -14.83 17.38 -18.06
C PHE B 60 -14.41 18.79 -17.68
N SER B 61 -15.24 19.48 -16.89
CA SER B 61 -14.97 20.91 -16.56
C SER B 61 -15.27 21.22 -15.09
N SER B 62 -16.45 21.77 -14.84
CA SER B 62 -16.90 22.20 -13.53
C SER B 62 -18.42 22.12 -13.48
N PRO B 63 -19.00 21.83 -12.31
CA PRO B 63 -20.48 21.84 -12.27
C PRO B 63 -21.18 23.11 -12.78
N GLU B 64 -20.54 24.25 -12.60
CA GLU B 64 -21.11 25.51 -13.01
C GLU B 64 -21.26 25.65 -14.52
N ALA B 65 -20.47 24.89 -15.26
CA ALA B 65 -20.50 24.90 -16.72
C ALA B 65 -21.68 24.11 -17.27
N LEU B 66 -22.28 23.24 -16.44
CA LEU B 66 -23.24 22.24 -16.94
C LEU B 66 -24.48 22.86 -17.64
N PRO B 67 -25.01 23.97 -17.11
CA PRO B 67 -26.08 24.60 -17.87
C PRO B 67 -25.76 24.93 -19.34
N LYS B 68 -24.53 25.39 -19.61
CA LYS B 68 -24.10 25.73 -20.97
C LYS B 68 -23.97 24.44 -21.78
N THR B 69 -23.41 23.43 -21.15
CA THR B 69 -23.25 22.13 -21.74
C THR B 69 -24.60 21.56 -22.24
N VAL B 70 -25.57 21.55 -21.35
CA VAL B 70 -26.91 21.06 -21.63
C VAL B 70 -27.57 21.87 -22.78
N ASP B 71 -27.45 23.19 -22.74
CA ASP B 71 -28.06 24.00 -23.77
C ASP B 71 -27.46 23.71 -25.13
N LEU B 72 -26.14 23.54 -25.16
CA LEU B 72 -25.45 23.19 -26.40
C LEU B 72 -25.86 21.82 -26.91
N CYS B 73 -25.97 20.83 -26.04
CA CYS B 73 -26.47 19.50 -26.47
C CYS B 73 -27.89 19.58 -27.03
N LYS B 74 -28.77 20.36 -26.38
CA LYS B 74 -30.13 20.51 -26.88
C LYS B 74 -30.13 21.18 -28.23
N LYS B 75 -29.33 22.24 -28.39
CA LYS B 75 -29.23 22.97 -29.63
C LYS B 75 -28.87 22.10 -30.82
N TYR B 76 -27.89 21.22 -30.62
CA TYR B 76 -27.36 20.43 -31.70
C TYR B 76 -27.88 19.00 -31.70
N ARG B 77 -28.83 18.70 -30.82
CA ARG B 77 -29.26 17.32 -30.53
C ARG B 77 -28.09 16.37 -30.39
N ALA B 78 -27.11 16.79 -29.62
CA ALA B 78 -25.87 16.04 -29.48
C ALA B 78 -25.92 15.26 -28.17
N GLY B 79 -25.53 13.98 -28.21
CA GLY B 79 -25.36 13.19 -26.98
C GLY B 79 -24.31 13.81 -26.05
N LEU B 80 -24.31 13.39 -24.79
CA LEU B 80 -23.38 13.94 -23.79
C LEU B 80 -22.64 12.85 -23.02
N VAL B 81 -21.29 12.95 -23.01
CA VAL B 81 -20.43 12.18 -22.11
C VAL B 81 -19.95 13.17 -21.03
N LEU B 82 -20.43 12.99 -19.78
CA LEU B 82 -20.13 13.92 -18.66
C LEU B 82 -19.24 13.22 -17.63
N GLY B 83 -18.04 13.77 -17.43
CA GLY B 83 -17.13 13.31 -16.38
C GLY B 83 -16.98 14.25 -15.19
N THR B 84 -17.40 15.51 -15.34
CA THR B 84 -17.32 16.44 -14.23
C THR B 84 -17.86 15.85 -12.87
N THR B 85 -17.08 16.05 -11.82
CA THR B 85 -17.37 15.51 -10.49
C THR B 85 -17.87 16.64 -9.62
N ALA B 86 -18.36 16.31 -8.43
CA ALA B 86 -19.00 17.26 -7.52
C ALA B 86 -20.34 17.84 -8.02
N LEU B 87 -21.08 17.02 -8.79
CA LEU B 87 -22.42 17.34 -9.21
C LEU B 87 -23.39 17.33 -8.00
N LYS B 88 -24.40 18.19 -8.05
CA LYS B 88 -25.40 18.27 -7.01
C LYS B 88 -26.71 17.79 -7.58
N GLU B 89 -27.73 17.80 -6.75
CA GLU B 89 -29.04 17.36 -7.19
C GLU B 89 -29.56 18.20 -8.37
N GLU B 90 -29.41 19.52 -8.31
CA GLU B 90 -29.78 20.42 -9.39
C GLU B 90 -29.17 19.99 -10.73
N HIS B 91 -27.93 19.52 -10.70
CA HIS B 91 -27.19 19.12 -11.90
C HIS B 91 -27.73 17.84 -12.46
N LEU B 92 -28.03 16.91 -11.57
CA LEU B 92 -28.66 15.66 -11.99
C LEU B 92 -30.03 15.87 -12.60
N GLN B 93 -30.79 16.83 -12.07
CA GLN B 93 -32.07 17.15 -12.65
C GLN B 93 -31.90 17.70 -14.07
N MET B 94 -30.93 18.57 -14.28
CA MET B 94 -30.71 19.12 -15.59
C MET B 94 -30.42 18.01 -16.58
N LEU B 95 -29.65 17.05 -16.13
CA LEU B 95 -29.24 15.90 -16.99
C LEU B 95 -30.41 15.05 -17.33
N ARG B 96 -31.27 14.82 -16.35
CA ARG B 96 -32.47 14.03 -16.64
C ARG B 96 -33.36 14.70 -17.68
N GLU B 97 -33.46 16.02 -17.61
CA GLU B 97 -34.22 16.76 -18.61
C GLU B 97 -33.57 16.59 -19.99
N LEU B 98 -32.25 16.77 -20.04
CA LEU B 98 -31.52 16.59 -21.28
C LEU B 98 -31.74 15.20 -21.88
N SER B 99 -31.72 14.19 -21.03
CA SER B 99 -31.79 12.79 -21.48
C SER B 99 -33.10 12.43 -22.12
N LYS B 100 -34.12 13.27 -21.96
CA LYS B 100 -35.37 13.04 -22.65
C LYS B 100 -35.20 13.35 -24.13
N GLU B 101 -34.15 14.10 -24.46
CA GLU B 101 -33.90 14.53 -25.85
C GLU B 101 -32.70 13.87 -26.52
N VAL B 102 -31.66 13.53 -25.75
CA VAL B 102 -30.44 12.97 -26.31
C VAL B 102 -29.91 11.84 -25.42
N PRO B 103 -29.06 10.94 -25.98
CA PRO B 103 -28.45 9.95 -25.11
C PRO B 103 -27.44 10.61 -24.17
N VAL B 104 -27.39 10.16 -22.92
CA VAL B 104 -26.42 10.71 -21.93
C VAL B 104 -25.69 9.64 -21.11
N VAL B 105 -24.35 9.73 -20.99
CA VAL B 105 -23.55 8.90 -20.07
C VAL B 105 -22.83 9.80 -19.08
N GLN B 106 -23.23 9.71 -17.82
CA GLN B 106 -22.58 10.44 -16.74
C GLN B 106 -21.88 9.41 -15.83
N ALA B 107 -20.59 9.66 -15.55
CA ALA B 107 -19.80 8.81 -14.67
C ALA B 107 -18.72 9.64 -13.95
N TYR B 108 -18.49 9.30 -12.70
CA TYR B 108 -17.45 9.93 -11.92
C TYR B 108 -16.09 9.26 -12.19
N ASN B 109 -16.08 8.18 -12.94
CA ASN B 109 -14.86 7.47 -13.27
C ASN B 109 -15.03 6.69 -14.56
N PHE B 110 -14.19 7.02 -15.55
CA PHE B 110 -14.25 6.35 -16.85
C PHE B 110 -13.21 5.25 -17.06
N SER B 111 -12.80 4.58 -15.99
CA SER B 111 -11.91 3.43 -16.05
C SER B 111 -12.72 2.14 -16.02
N ILE B 112 -12.16 1.04 -16.49
CA ILE B 112 -12.79 -0.25 -16.35
C ILE B 112 -12.75 -0.70 -14.90
N GLY B 113 -11.57 -0.62 -14.31
CA GLY B 113 -11.26 -1.19 -13.03
C GLY B 113 -12.07 -0.64 -11.89
N ILE B 114 -12.31 0.66 -11.86
CA ILE B 114 -13.16 1.23 -10.78
C ILE B 114 -14.58 0.72 -10.88
N ASN B 115 -15.09 0.60 -12.10
CA ASN B 115 -16.46 0.18 -12.30
C ASN B 115 -16.62 -1.29 -12.01
N VAL B 116 -15.59 -2.06 -12.28
CA VAL B 116 -15.58 -3.50 -11.92
C VAL B 116 -15.57 -3.66 -10.41
N LEU B 117 -14.71 -2.89 -9.76
CA LEU B 117 -14.52 -2.99 -8.33
C LEU B 117 -15.72 -2.52 -7.55
N LYS B 118 -16.40 -1.48 -8.04
CA LYS B 118 -17.55 -0.87 -7.36
C LYS B 118 -18.65 -1.94 -7.16
N ARG B 119 -18.87 -2.76 -8.17
CA ARG B 119 -19.79 -3.90 -8.04
C ARG B 119 -19.34 -4.92 -7.05
N PHE B 120 -18.05 -5.27 -7.12
CA PHE B 120 -17.49 -6.26 -6.21
C PHE B 120 -17.59 -5.76 -4.77
N LEU B 121 -17.31 -4.49 -4.52
CA LEU B 121 -17.33 -3.95 -3.15
C LEU B 121 -18.74 -3.99 -2.52
N SER B 122 -19.77 -3.86 -3.36
CA SER B 122 -21.16 -4.00 -2.90
C SER B 122 -21.47 -5.35 -2.36
N GLU B 123 -20.84 -6.39 -2.94
CA GLU B 123 -20.99 -7.75 -2.42
C GLU B 123 -20.06 -8.02 -1.25
N LEU B 124 -18.79 -7.58 -1.36
CA LEU B 124 -17.81 -7.82 -0.32
C LEU B 124 -18.22 -7.23 1.01
N VAL B 125 -18.74 -6.00 0.99
CA VAL B 125 -19.13 -5.32 2.23
C VAL B 125 -20.18 -6.12 3.01
N LYS B 126 -21.02 -6.86 2.28
CA LYS B 126 -22.03 -7.69 2.93
C LYS B 126 -21.43 -8.86 3.71
N VAL B 127 -20.30 -9.40 3.23
CA VAL B 127 -19.66 -10.52 3.92
C VAL B 127 -18.72 -10.00 5.00
N LEU B 128 -18.24 -8.77 4.79
CA LEU B 128 -17.31 -8.10 5.73
C LEU B 128 -17.97 -6.99 6.54
N GLU B 129 -19.22 -7.21 6.88
CA GLU B 129 -20.02 -6.15 7.45
C GLU B 129 -19.54 -5.71 8.85
N ASP B 130 -18.95 -6.63 9.60
CA ASP B 130 -18.43 -6.33 10.94
C ASP B 130 -16.95 -5.91 10.93
N TRP B 131 -16.35 -5.71 9.75
CA TRP B 131 -14.98 -5.20 9.68
C TRP B 131 -15.03 -3.68 9.60
N ASP B 132 -14.00 -3.02 10.12
CA ASP B 132 -13.84 -1.59 9.95
C ASP B 132 -13.42 -1.32 8.51
N VAL B 133 -13.87 -0.20 7.96
CA VAL B 133 -13.55 0.14 6.58
C VAL B 133 -13.33 1.66 6.43
N GLU B 134 -12.23 2.03 5.77
CA GLU B 134 -11.87 3.40 5.40
C GLU B 134 -11.40 3.47 3.93
N ILE B 135 -11.36 4.67 3.37
CA ILE B 135 -10.86 4.82 2.02
C ILE B 135 -9.72 5.83 2.05
N VAL B 136 -8.66 5.52 1.30
CA VAL B 136 -7.55 6.43 1.08
C VAL B 136 -7.46 6.69 -0.42
N GLU B 137 -7.56 7.96 -0.80
CA GLU B 137 -7.41 8.31 -2.20
C GLU B 137 -6.33 9.35 -2.38
N THR B 138 -5.63 9.21 -3.51
CA THR B 138 -4.52 10.09 -3.84
C THR B 138 -4.65 10.65 -5.24
N HIS B 139 -4.50 11.97 -5.37
CA HIS B 139 -4.50 12.67 -6.66
C HIS B 139 -3.44 13.77 -6.68
N HIS B 140 -3.17 14.24 -7.88
CA HIS B 140 -2.22 15.31 -8.10
C HIS B 140 -2.55 16.57 -7.30
N ARG B 141 -1.53 17.36 -7.05
CA ARG B 141 -1.58 18.50 -6.14
C ARG B 141 -2.64 19.55 -6.43
N PHE B 142 -3.04 19.72 -7.70
CA PHE B 142 -3.98 20.79 -7.97
C PHE B 142 -5.42 20.37 -8.13
N LYS B 143 -5.75 19.13 -7.80
CA LYS B 143 -7.13 18.69 -7.88
C LYS B 143 -7.98 19.51 -6.94
N LYS B 144 -9.01 20.14 -7.47
CA LYS B 144 -9.82 21.10 -6.67
C LYS B 144 -10.75 20.44 -5.69
N ASP B 145 -11.27 19.27 -6.05
CA ASP B 145 -12.25 18.60 -5.18
C ASP B 145 -11.73 17.48 -4.30
N ALA B 146 -12.08 17.55 -3.01
CA ALA B 146 -11.83 16.48 -2.05
C ALA B 146 -13.06 16.24 -1.17
N PRO B 147 -13.45 14.98 -0.93
CA PRO B 147 -12.91 13.78 -1.51
C PRO B 147 -13.22 13.65 -3.01
N SER B 148 -12.42 12.85 -3.72
CA SER B 148 -12.65 12.62 -5.14
C SER B 148 -14.06 12.00 -5.39
N GLY B 149 -14.60 12.26 -6.59
CA GLY B 149 -15.84 11.66 -7.01
C GLY B 149 -15.82 10.14 -6.93
N THR B 150 -14.69 9.59 -7.29
CA THR B 150 -14.48 8.18 -7.30
C THR B 150 -14.55 7.60 -5.85
N ALA B 151 -13.96 8.31 -4.88
CA ALA B 151 -14.07 7.93 -3.46
C ALA B 151 -15.51 7.92 -2.98
N ILE B 152 -16.25 8.94 -3.37
CA ILE B 152 -17.67 9.03 -3.11
C ILE B 152 -18.43 7.85 -3.78
N LEU B 153 -18.11 7.56 -5.02
CA LEU B 153 -18.71 6.45 -5.73
C LEU B 153 -18.48 5.14 -5.00
N LEU B 154 -17.26 4.91 -4.55
CA LEU B 154 -16.90 3.68 -3.82
C LEU B 154 -17.59 3.61 -2.48
N GLU B 155 -17.69 4.75 -1.78
CA GLU B 155 -18.44 4.81 -0.52
C GLU B 155 -19.91 4.41 -0.74
N SER B 156 -20.51 4.87 -1.84
CA SER B 156 -21.90 4.51 -2.13
C SER B 156 -22.02 3.01 -2.40
N ALA B 157 -21.04 2.42 -3.10
CA ALA B 157 -21.00 0.94 -3.32
C ALA B 157 -20.96 0.20 -1.96
N LEU B 158 -20.24 0.78 -1.01
CA LEU B 158 -20.15 0.17 0.34
C LEU B 158 -21.46 0.28 1.11
N GLY B 159 -22.36 1.13 0.63
CA GLY B 159 -23.68 1.23 1.24
C GLY B 159 -23.72 1.91 2.60
N LYS B 160 -22.65 2.60 2.94
CA LYS B 160 -22.62 3.31 4.21
C LYS B 160 -21.53 4.35 4.13
N SER B 161 -21.62 5.27 5.05
CA SER B 161 -20.66 6.33 5.22
C SER B 161 -19.38 5.80 5.82
N VAL B 162 -18.24 6.09 5.19
CA VAL B 162 -16.95 5.65 5.71
C VAL B 162 -15.97 6.83 5.67
N PRO B 163 -14.95 6.80 6.56
CA PRO B 163 -13.90 7.82 6.53
C PRO B 163 -13.17 7.80 5.19
N ILE B 164 -13.03 8.97 4.55
CA ILE B 164 -12.23 9.14 3.34
C ILE B 164 -11.05 10.08 3.59
N HIS B 165 -9.84 9.65 3.20
CA HIS B 165 -8.60 10.43 3.42
C HIS B 165 -8.08 10.77 2.04
N SER B 166 -7.86 12.05 1.81
CA SER B 166 -7.52 12.57 0.51
C SER B 166 -6.11 13.18 0.46
N LEU B 167 -5.23 12.52 -0.27
CA LEU B 167 -3.85 13.01 -0.45
C LEU B 167 -3.73 13.80 -1.75
N ARG B 168 -3.07 14.96 -1.68
CA ARG B 168 -2.91 15.84 -2.85
C ARG B 168 -1.44 16.07 -3.11
N VAL B 169 -0.87 15.19 -3.94
CA VAL B 169 0.55 15.00 -4.04
C VAL B 169 1.00 14.87 -5.47
N GLY B 170 1.99 15.67 -5.86
CA GLY B 170 2.70 15.56 -7.11
C GLY B 170 1.78 15.52 -8.31
N GLY B 171 2.01 14.57 -9.20
CA GLY B 171 1.22 14.42 -10.43
C GLY B 171 0.45 13.13 -10.49
N VAL B 172 0.07 12.56 -9.33
CA VAL B 172 -0.65 11.27 -9.28
C VAL B 172 -1.96 11.37 -10.07
N PRO B 173 -2.10 10.58 -11.17
CA PRO B 173 -3.37 10.54 -11.91
C PRO B 173 -4.64 10.18 -11.11
N GLY B 174 -4.53 9.24 -10.19
CA GLY B 174 -5.65 8.81 -9.38
C GLY B 174 -5.47 7.42 -8.81
N ASP B 175 -5.24 7.32 -7.51
CA ASP B 175 -5.23 6.03 -6.78
C ASP B 175 -6.33 6.03 -5.72
N HIS B 176 -6.97 4.86 -5.56
CA HIS B 176 -7.95 4.62 -4.50
C HIS B 176 -7.71 3.31 -3.79
N VAL B 177 -7.78 3.33 -2.46
CA VAL B 177 -7.60 2.14 -1.65
C VAL B 177 -8.76 2.00 -0.72
N VAL B 178 -9.39 0.84 -0.73
CA VAL B 178 -10.37 0.48 0.28
C VAL B 178 -9.72 -0.47 1.29
N VAL B 179 -9.67 -0.04 2.55
CA VAL B 179 -9.05 -0.81 3.63
C VAL B 179 -10.13 -1.40 4.54
N PHE B 180 -10.18 -2.74 4.59
CA PHE B 180 -11.04 -3.49 5.53
C PHE B 180 -10.16 -4.07 6.64
N GLY B 181 -10.58 -3.92 7.90
CA GLY B 181 -9.85 -4.48 9.01
C GLY B 181 -10.66 -5.18 10.07
N ASN B 182 -10.13 -6.31 10.53
CA ASN B 182 -10.55 -6.88 11.81
C ASN B 182 -9.35 -7.03 12.77
N ILE B 183 -9.60 -7.57 13.94
CA ILE B 183 -8.55 -7.72 14.93
C ILE B 183 -7.35 -8.57 14.46
N GLY B 184 -7.60 -9.59 13.65
CA GLY B 184 -6.52 -10.48 13.21
C GLY B 184 -5.95 -10.25 11.82
N GLU B 185 -6.60 -9.42 11.00
CA GLU B 185 -6.26 -9.31 9.57
C GLU B 185 -6.75 -8.03 8.94
N THR B 186 -6.17 -7.72 7.78
CA THR B 186 -6.61 -6.60 6.94
C THR B 186 -6.65 -7.03 5.48
N ILE B 187 -7.55 -6.39 4.74
CA ILE B 187 -7.67 -6.51 3.29
C ILE B 187 -7.61 -5.10 2.71
N GLU B 188 -6.80 -4.93 1.68
CA GLU B 188 -6.76 -3.71 0.88
C GLU B 188 -7.09 -4.01 -0.54
N ILE B 189 -7.98 -3.20 -1.10
CA ILE B 189 -8.40 -3.29 -2.52
C ILE B 189 -7.97 -1.96 -3.10
N LYS B 190 -6.98 -2.02 -3.98
CA LYS B 190 -6.34 -0.83 -4.55
C LYS B 190 -6.53 -0.72 -6.05
N HIS B 191 -6.86 0.47 -6.51
CA HIS B 191 -6.88 0.75 -7.94
C HIS B 191 -5.92 1.91 -8.23
N ARG B 192 -5.18 1.79 -9.33
CA ARG B 192 -4.34 2.86 -9.81
C ARG B 192 -4.67 3.15 -11.28
N ALA B 193 -4.97 4.40 -11.59
CA ALA B 193 -4.97 4.87 -12.96
C ALA B 193 -3.54 5.20 -13.36
N ILE B 194 -3.00 4.50 -14.35
CA ILE B 194 -1.62 4.75 -14.77
C ILE B 194 -1.43 6.13 -15.42
N SER B 195 -2.35 6.61 -16.21
CA SER B 195 -2.33 8.01 -16.68
C SER B 195 -3.75 8.47 -16.90
N ARG B 196 -3.92 9.77 -17.12
CA ARG B 196 -5.20 10.39 -17.46
C ARG B 196 -5.76 9.86 -18.76
N THR B 197 -4.91 9.32 -19.63
CA THR B 197 -5.39 8.84 -20.89
C THR B 197 -6.45 7.80 -20.73
N VAL B 198 -6.40 7.01 -19.64
CA VAL B 198 -7.38 5.93 -19.42
C VAL B 198 -8.81 6.48 -19.30
N PHE B 199 -8.96 7.68 -18.76
CA PHE B 199 -10.29 8.28 -18.64
C PHE B 199 -10.77 8.81 -19.99
N ALA B 200 -9.85 9.35 -20.79
CA ALA B 200 -10.18 9.84 -22.13
C ALA B 200 -10.54 8.69 -23.06
N ILE B 201 -9.89 7.55 -22.92
CA ILE B 201 -10.29 6.34 -23.65
C ILE B 201 -11.68 5.81 -23.23
N GLY B 202 -11.99 5.85 -21.93
CA GLY B 202 -13.33 5.51 -21.45
C GLY B 202 -14.38 6.42 -22.02
N ALA B 203 -14.06 7.71 -22.08
CA ALA B 203 -14.94 8.73 -22.66
C ALA B 203 -15.20 8.47 -24.15
N LEU B 204 -14.18 8.05 -24.87
CA LEU B 204 -14.34 7.68 -26.27
C LEU B 204 -15.24 6.47 -26.40
N LYS B 205 -15.06 5.46 -25.54
CA LYS B 205 -15.94 4.28 -25.56
C LYS B 205 -17.37 4.69 -25.36
N ALA B 206 -17.59 5.60 -24.41
CA ALA B 206 -18.91 6.06 -24.07
C ALA B 206 -19.54 6.87 -25.18
N ALA B 207 -18.76 7.74 -25.82
CA ALA B 207 -19.18 8.52 -27.00
C ALA B 207 -19.61 7.58 -28.14
N GLU B 208 -18.84 6.57 -28.40
CA GLU B 208 -19.14 5.66 -29.52
C GLU B 208 -20.39 4.85 -29.23
N PHE B 209 -20.55 4.46 -27.98
CA PHE B 209 -21.77 3.78 -27.48
C PHE B 209 -23.02 4.63 -27.72
N LEU B 210 -22.94 5.91 -27.35
CA LEU B 210 -24.08 6.83 -27.42
C LEU B 210 -24.59 7.17 -28.79
N VAL B 211 -23.70 7.22 -29.77
CA VAL B 211 -24.09 7.64 -31.12
C VAL B 211 -25.08 6.61 -31.70
N GLY B 212 -26.25 7.13 -32.09
CA GLY B 212 -27.35 6.30 -32.61
C GLY B 212 -28.28 5.73 -31.56
N LYS B 213 -28.01 5.96 -30.26
CA LYS B 213 -28.86 5.42 -29.21
C LYS B 213 -30.07 6.31 -29.07
N ASP B 214 -31.15 5.75 -28.52
CA ASP B 214 -32.32 6.56 -28.17
C ASP B 214 -31.96 7.39 -26.94
N PRO B 215 -32.67 8.51 -26.73
CA PRO B 215 -32.52 9.33 -25.53
C PRO B 215 -32.64 8.56 -24.23
N GLY B 216 -31.91 9.00 -23.21
CA GLY B 216 -32.03 8.48 -21.86
C GLY B 216 -30.69 8.53 -21.22
N MET B 217 -30.66 8.17 -19.93
CA MET B 217 -29.45 8.04 -19.16
C MET B 217 -28.96 6.63 -19.31
N TYR B 218 -27.68 6.48 -19.63
CA TYR B 218 -27.06 5.17 -19.68
C TYR B 218 -25.90 5.17 -18.71
N SER B 219 -25.74 4.06 -17.99
CA SER B 219 -24.62 3.89 -17.07
C SER B 219 -23.34 3.54 -17.84
N PHE B 220 -22.18 4.01 -17.39
CA PHE B 220 -20.94 3.55 -17.95
C PHE B 220 -20.77 2.03 -17.83
N GLU B 221 -21.32 1.43 -16.77
CA GLU B 221 -21.35 -0.05 -16.66
C GLU B 221 -22.02 -0.69 -17.86
N GLU B 222 -23.10 -0.11 -18.36
CA GLU B 222 -23.71 -0.61 -19.59
C GLU B 222 -22.82 -0.40 -20.80
N VAL B 223 -22.15 0.73 -20.83
CA VAL B 223 -21.22 0.99 -21.89
C VAL B 223 -20.23 -0.14 -21.93
N ILE B 224 -19.72 -0.56 -20.76
CA ILE B 224 -18.64 -1.56 -20.75
C ILE B 224 -19.03 -3.04 -20.60
N PHE B 225 -20.17 -3.38 -19.99
CA PHE B 225 -20.51 -4.82 -19.75
C PHE B 225 -21.63 -5.43 -20.64
N MET C 13 -23.20 -17.71 24.63
CA MET C 13 -23.09 -19.18 24.45
C MET C 13 -22.19 -19.83 25.51
N LYS C 14 -22.46 -21.09 25.81
CA LYS C 14 -21.54 -21.94 26.58
C LYS C 14 -20.74 -22.72 25.58
N TYR C 15 -19.43 -22.80 25.78
CA TYR C 15 -18.57 -23.47 24.83
C TYR C 15 -17.44 -24.28 25.51
N GLY C 16 -16.91 -25.23 24.77
CA GLY C 16 -15.75 -25.99 25.20
C GLY C 16 -14.59 -25.73 24.28
N ILE C 17 -13.39 -25.99 24.76
CA ILE C 17 -12.18 -25.96 23.93
C ILE C 17 -11.41 -27.26 24.12
N VAL C 18 -11.19 -27.97 23.03
CA VAL C 18 -10.19 -29.04 22.98
C VAL C 18 -8.90 -28.39 22.49
N GLY C 19 -7.85 -28.54 23.28
CA GLY C 19 -6.61 -27.80 23.07
C GLY C 19 -6.59 -26.47 23.79
N TYR C 20 -7.27 -26.38 24.93
CA TYR C 20 -7.48 -25.09 25.60
C TYR C 20 -6.16 -24.45 26.03
N SER C 21 -5.17 -25.29 26.34
CA SER C 21 -3.88 -24.85 26.86
C SER C 21 -2.88 -24.45 25.77
N GLY C 22 -3.12 -24.85 24.52
CA GLY C 22 -2.23 -24.55 23.41
C GLY C 22 -2.27 -23.10 22.96
N ARG C 23 -1.46 -22.79 21.96
CA ARG C 23 -1.44 -21.46 21.35
C ARG C 23 -2.79 -21.01 20.85
N MET C 24 -3.43 -21.83 20.02
CA MET C 24 -4.74 -21.50 19.49
C MET C 24 -5.79 -21.46 20.59
N GLY C 25 -5.75 -22.42 21.51
CA GLY C 25 -6.72 -22.49 22.59
C GLY C 25 -6.78 -21.25 23.46
N GLN C 26 -5.63 -20.68 23.76
CA GLN C 26 -5.57 -19.46 24.57
C GLN C 26 -6.04 -18.21 23.84
N GLU C 27 -5.85 -18.23 22.54
CA GLU C 27 -6.32 -17.20 21.65
C GLU C 27 -7.87 -17.25 21.54
N ILE C 28 -8.41 -18.47 21.48
CA ILE C 28 -9.87 -18.68 21.48
C ILE C 28 -10.54 -18.21 22.79
N GLN C 29 -9.96 -18.56 23.93
CA GLN C 29 -10.50 -18.11 25.21
C GLN C 29 -10.62 -16.59 25.25
N LYS C 30 -9.59 -15.90 24.78
CA LYS C 30 -9.54 -14.45 24.82
C LYS C 30 -10.68 -13.85 23.99
N VAL C 31 -10.78 -14.34 22.77
CA VAL C 31 -11.74 -13.81 21.79
C VAL C 31 -13.17 -14.13 22.20
N PHE C 32 -13.40 -15.36 22.65
CA PHE C 32 -14.75 -15.78 23.09
C PHE C 32 -15.18 -15.08 24.39
N SER C 33 -14.29 -15.00 25.36
CA SER C 33 -14.62 -14.31 26.62
C SER C 33 -14.91 -12.85 26.39
N GLU C 34 -14.18 -12.22 25.47
CA GLU C 34 -14.44 -10.79 25.12
C GLU C 34 -15.84 -10.56 24.54
N LYS C 35 -16.40 -11.56 23.86
CA LYS C 35 -17.77 -11.47 23.36
C LYS C 35 -18.79 -11.96 24.39
N GLY C 36 -18.34 -12.25 25.62
CA GLY C 36 -19.24 -12.66 26.69
C GLY C 36 -19.68 -14.11 26.66
N HIS C 37 -18.91 -14.97 25.99
CA HIS C 37 -19.20 -16.42 26.01
C HIS C 37 -18.50 -17.09 27.19
N GLU C 38 -19.08 -18.21 27.61
CA GLU C 38 -18.68 -18.89 28.83
C GLU C 38 -18.01 -20.23 28.55
N LEU C 39 -16.79 -20.38 29.06
CA LEU C 39 -16.03 -21.60 28.92
C LEU C 39 -16.49 -22.62 29.95
N VAL C 40 -17.07 -23.73 29.50
CA VAL C 40 -17.63 -24.75 30.40
C VAL C 40 -17.01 -26.14 30.26
N LEU C 41 -16.00 -26.27 29.41
CA LEU C 41 -15.37 -27.55 29.12
C LEU C 41 -13.95 -27.31 28.63
N LYS C 42 -12.96 -27.92 29.30
CA LYS C 42 -11.56 -27.77 28.94
C LYS C 42 -10.95 -29.15 28.75
N VAL C 43 -10.35 -29.35 27.58
CA VAL C 43 -9.67 -30.58 27.24
C VAL C 43 -8.28 -30.28 26.69
N ASP C 44 -7.29 -31.00 27.19
CA ASP C 44 -5.95 -30.97 26.65
C ASP C 44 -5.33 -32.35 26.88
N VAL C 45 -4.04 -32.49 26.64
CA VAL C 45 -3.38 -33.79 26.75
C VAL C 45 -3.37 -34.33 28.19
N ASN C 46 -3.55 -33.45 29.18
CA ASN C 46 -3.50 -33.83 30.60
C ASN C 46 -4.85 -34.21 31.18
N GLY C 47 -5.94 -33.90 30.49
CA GLY C 47 -7.24 -34.37 30.95
C GLY C 47 -8.45 -33.63 30.41
N VAL C 48 -9.60 -34.00 30.95
CA VAL C 48 -10.89 -33.41 30.60
C VAL C 48 -11.49 -32.76 31.85
N GLU C 49 -12.06 -31.57 31.68
CA GLU C 49 -12.67 -30.83 32.78
C GLU C 49 -14.04 -30.34 32.32
N GLU C 50 -15.09 -31.01 32.81
CA GLU C 50 -16.49 -30.76 32.42
C GLU C 50 -17.17 -29.94 33.52
N LEU C 51 -17.44 -28.67 33.25
CA LEU C 51 -18.04 -27.77 34.25
C LEU C 51 -19.55 -27.61 34.04
N ASP C 52 -19.98 -27.60 32.78
CA ASP C 52 -21.38 -27.39 32.39
C ASP C 52 -21.53 -27.92 30.97
N SER C 53 -22.75 -27.90 30.44
CA SER C 53 -22.97 -28.39 29.09
C SER C 53 -22.73 -27.29 28.03
N PRO C 54 -21.78 -27.55 27.11
CA PRO C 54 -21.48 -26.60 26.05
C PRO C 54 -22.48 -26.67 24.90
N ASP C 55 -22.76 -25.52 24.31
CA ASP C 55 -23.56 -25.42 23.10
C ASP C 55 -22.70 -25.76 21.89
N VAL C 56 -21.43 -25.39 21.95
CA VAL C 56 -20.51 -25.62 20.84
C VAL C 56 -19.15 -25.97 21.40
N VAL C 57 -18.42 -26.82 20.69
CA VAL C 57 -17.05 -27.16 21.06
C VAL C 57 -16.10 -26.69 19.96
N ILE C 58 -14.98 -26.11 20.37
CA ILE C 58 -13.95 -25.60 19.46
C ILE C 58 -12.69 -26.48 19.64
N ASP C 59 -12.21 -27.12 18.57
CA ASP C 59 -11.06 -28.05 18.65
C ASP C 59 -9.90 -27.58 17.76
N PHE C 60 -8.83 -27.11 18.40
CA PHE C 60 -7.53 -26.89 17.75
C PHE C 60 -6.48 -27.59 18.61
N SER C 61 -6.28 -28.87 18.35
CA SER C 61 -5.39 -29.67 19.18
C SER C 61 -4.48 -30.56 18.35
N SER C 62 -4.87 -31.82 18.21
CA SER C 62 -4.10 -32.81 17.51
C SER C 62 -5.10 -33.85 17.03
N PRO C 63 -4.81 -34.53 15.91
CA PRO C 63 -5.76 -35.55 15.39
C PRO C 63 -6.10 -36.66 16.40
N GLU C 64 -5.15 -36.98 17.29
CA GLU C 64 -5.32 -38.02 18.30
C GLU C 64 -6.41 -37.67 19.32
N ALA C 65 -6.67 -36.37 19.46
CA ALA C 65 -7.69 -35.86 20.37
C ALA C 65 -9.12 -35.98 19.82
N LEU C 66 -9.24 -36.16 18.50
CA LEU C 66 -10.57 -36.11 17.84
C LEU C 66 -11.60 -37.11 18.34
N PRO C 67 -11.19 -38.37 18.61
CA PRO C 67 -12.15 -39.28 19.24
C PRO C 67 -12.83 -38.75 20.49
N LYS C 68 -12.09 -38.12 21.39
CA LYS C 68 -12.65 -37.58 22.63
C LYS C 68 -13.57 -36.41 22.32
N THR C 69 -13.12 -35.56 21.40
CA THR C 69 -13.90 -34.44 20.90
C THR C 69 -15.29 -34.89 20.39
N VAL C 70 -15.27 -35.86 19.50
CA VAL C 70 -16.49 -36.41 18.93
C VAL C 70 -17.42 -36.93 20.04
N ASP C 71 -16.86 -37.70 20.97
CA ASP C 71 -17.61 -38.27 22.08
C ASP C 71 -18.28 -37.17 22.92
N LEU C 72 -17.53 -36.11 23.20
CA LEU C 72 -18.07 -35.01 23.98
C LEU C 72 -19.19 -34.28 23.24
N CYS C 73 -19.00 -34.05 21.94
CA CYS C 73 -20.04 -33.41 21.15
C CYS C 73 -21.32 -34.24 21.12
N LYS C 74 -21.17 -35.56 20.98
CA LYS C 74 -22.34 -36.46 21.00
C LYS C 74 -23.03 -36.43 22.35
N LYS C 75 -22.24 -36.48 23.43
CA LYS C 75 -22.76 -36.43 24.80
C LYS C 75 -23.62 -35.18 25.07
N TYR C 76 -23.15 -34.01 24.62
CA TYR C 76 -23.83 -32.75 24.93
C TYR C 76 -24.65 -32.23 23.76
N ARG C 77 -24.82 -33.03 22.71
CA ARG C 77 -25.34 -32.57 21.40
C ARG C 77 -24.84 -31.17 21.00
N ALA C 78 -23.52 -30.99 21.11
CA ALA C 78 -22.91 -29.71 20.87
C ALA C 78 -22.34 -29.69 19.46
N GLY C 79 -22.46 -28.58 18.77
CA GLY C 79 -21.80 -28.40 17.49
C GLY C 79 -20.29 -28.41 17.63
N LEU C 80 -19.57 -28.53 16.52
CA LEU C 80 -18.12 -28.57 16.52
C LEU C 80 -17.54 -27.65 15.50
N VAL C 81 -16.65 -26.76 15.96
CA VAL C 81 -15.74 -26.05 15.09
C VAL C 81 -14.37 -26.72 15.22
N LEU C 82 -13.89 -27.31 14.13
CA LEU C 82 -12.67 -28.07 14.11
C LEU C 82 -11.59 -27.40 13.25
N GLY C 83 -10.46 -27.09 13.86
CA GLY C 83 -9.33 -26.52 13.12
C GLY C 83 -8.10 -27.39 13.05
N THR C 84 -8.04 -28.42 13.90
CA THR C 84 -6.93 -29.37 13.85
C THR C 84 -6.59 -29.81 12.42
N THR C 85 -5.30 -29.75 12.09
CA THR C 85 -4.81 -30.14 10.77
C THR C 85 -4.24 -31.55 10.80
N ALA C 86 -3.80 -32.02 9.64
CA ALA C 86 -3.23 -33.37 9.51
C ALA C 86 -4.22 -34.47 9.83
N LEU C 87 -5.50 -34.21 9.56
CA LEU C 87 -6.52 -35.25 9.73
C LEU C 87 -6.38 -36.35 8.68
N LYS C 88 -6.67 -37.58 9.05
CA LYS C 88 -6.58 -38.73 8.14
C LYS C 88 -7.99 -39.16 7.74
N GLU C 89 -8.08 -40.12 6.83
CA GLU C 89 -9.39 -40.61 6.39
C GLU C 89 -10.24 -41.06 7.58
N GLU C 90 -9.64 -41.82 8.49
CA GLU C 90 -10.31 -42.24 9.72
C GLU C 90 -10.89 -41.09 10.53
N HIS C 91 -10.21 -39.95 10.56
CA HIS C 91 -10.70 -38.79 11.30
C HIS C 91 -11.88 -38.14 10.58
N LEU C 92 -11.78 -38.07 9.25
CA LEU C 92 -12.85 -37.56 8.39
C LEU C 92 -14.14 -38.38 8.53
N GLN C 93 -13.97 -39.71 8.65
CA GLN C 93 -15.07 -40.61 8.87
C GLN C 93 -15.77 -40.37 10.20
N MET C 94 -14.99 -40.27 11.28
CA MET C 94 -15.58 -39.96 12.59
C MET C 94 -16.39 -38.68 12.53
N LEU C 95 -15.86 -37.70 11.81
CA LEU C 95 -16.45 -36.40 11.67
C LEU C 95 -17.76 -36.44 10.94
N ARG C 96 -17.80 -37.18 9.85
CA ARG C 96 -19.04 -37.38 9.09
C ARG C 96 -20.12 -38.02 9.94
N GLU C 97 -19.76 -39.03 10.76
CA GLU C 97 -20.72 -39.68 11.63
C GLU C 97 -21.24 -38.71 12.69
N LEU C 98 -20.34 -37.91 13.24
CA LEU C 98 -20.74 -36.88 14.18
C LEU C 98 -21.75 -35.91 13.54
N SER C 99 -21.51 -35.53 12.29
CA SER C 99 -22.31 -34.49 11.62
C SER C 99 -23.73 -34.96 11.26
N LYS C 100 -24.01 -36.25 11.47
CA LYS C 100 -25.37 -36.75 11.37
C LYS C 100 -26.18 -36.31 12.59
N GLU C 101 -25.51 -35.97 13.68
CA GLU C 101 -26.17 -35.63 14.94
C GLU C 101 -26.06 -34.17 15.32
N VAL C 102 -24.98 -33.50 14.91
CA VAL C 102 -24.73 -32.11 15.26
C VAL C 102 -24.21 -31.33 14.05
N PRO C 103 -24.30 -30.00 14.10
CA PRO C 103 -23.72 -29.18 13.04
C PRO C 103 -22.21 -29.06 13.21
N VAL C 104 -21.46 -29.15 12.11
CA VAL C 104 -20.00 -29.18 12.14
C VAL C 104 -19.38 -28.24 11.08
N VAL C 105 -18.38 -27.46 11.49
CA VAL C 105 -17.54 -26.69 10.54
C VAL C 105 -16.08 -27.11 10.74
N GLN C 106 -15.51 -27.76 9.72
CA GLN C 106 -14.12 -28.20 9.69
C GLN C 106 -13.43 -27.31 8.65
N ALA C 107 -12.29 -26.74 9.03
CA ALA C 107 -11.49 -25.99 8.08
C ALA C 107 -10.03 -26.02 8.51
N TYR C 108 -9.15 -26.14 7.54
CA TYR C 108 -7.71 -26.12 7.80
C TYR C 108 -7.19 -24.68 7.82
N ASN C 109 -8.06 -23.71 7.52
CA ASN C 109 -7.67 -22.28 7.56
C ASN C 109 -8.90 -21.48 7.90
N PHE C 110 -8.89 -20.84 9.06
CA PHE C 110 -9.99 -20.03 9.44
C PHE C 110 -9.65 -18.57 9.15
N SER C 111 -8.58 -18.20 8.31
CA SER C 111 -8.43 -16.78 8.13
C SER C 111 -9.73 -16.49 7.42
N ILE C 112 -10.55 -15.62 7.96
CA ILE C 112 -11.75 -15.27 7.21
C ILE C 112 -11.42 -14.59 5.86
N GLY C 113 -10.46 -13.66 5.88
CA GLY C 113 -10.12 -12.86 4.74
C GLY C 113 -9.62 -13.64 3.54
N ILE C 114 -8.76 -14.62 3.76
CA ILE C 114 -8.25 -15.41 2.68
C ILE C 114 -9.39 -16.17 2.01
N ASN C 115 -10.26 -16.74 2.82
CA ASN C 115 -11.38 -17.51 2.30
C ASN C 115 -12.31 -16.63 1.51
N VAL C 116 -12.56 -15.46 2.04
CA VAL C 116 -13.42 -14.49 1.33
C VAL C 116 -12.79 -14.08 -0.04
N LEU C 117 -11.49 -13.86 0.01
CA LEU C 117 -10.76 -13.41 -1.15
C LEU C 117 -10.63 -14.45 -2.23
N LYS C 118 -10.55 -15.69 -1.84
CA LYS C 118 -10.41 -16.79 -2.78
C LYS C 118 -11.65 -16.90 -3.69
N ARG C 119 -12.83 -16.75 -3.12
CA ARG C 119 -14.06 -16.67 -3.90
C ARG C 119 -14.12 -15.43 -4.79
N PHE C 120 -13.80 -14.29 -4.19
CA PHE C 120 -13.79 -13.01 -4.89
C PHE C 120 -12.86 -13.00 -6.11
N LEU C 121 -11.69 -13.57 -5.94
CA LEU C 121 -10.72 -13.67 -7.02
C LEU C 121 -11.13 -14.62 -8.15
N SER C 122 -11.92 -15.66 -7.83
CA SER C 122 -12.41 -16.58 -8.85
C SER C 122 -13.37 -15.88 -9.79
N GLU C 123 -14.13 -14.91 -9.27
CA GLU C 123 -15.05 -14.11 -10.05
C GLU C 123 -14.33 -12.95 -10.74
N LEU C 124 -13.43 -12.29 -10.03
CA LEU C 124 -12.72 -11.12 -10.58
C LEU C 124 -11.85 -11.47 -11.79
N VAL C 125 -11.22 -12.64 -11.76
CA VAL C 125 -10.33 -13.06 -12.84
C VAL C 125 -11.08 -13.31 -14.15
N LYS C 126 -12.36 -13.69 -14.06
CA LYS C 126 -13.20 -13.89 -15.24
C LYS C 126 -13.53 -12.57 -15.92
N VAL C 127 -13.69 -11.52 -15.12
CA VAL C 127 -13.96 -10.19 -15.65
C VAL C 127 -12.69 -9.57 -16.21
N LEU C 128 -11.55 -9.85 -15.58
CA LEU C 128 -10.27 -9.26 -15.95
C LEU C 128 -9.37 -10.30 -16.61
N GLU C 129 -9.99 -11.09 -17.50
CA GLU C 129 -9.31 -12.26 -18.08
C GLU C 129 -8.12 -11.88 -18.96
N ASP C 130 -8.14 -10.70 -19.57
CA ASP C 130 -7.01 -10.23 -20.39
C ASP C 130 -6.02 -9.31 -19.67
N TRP C 131 -6.17 -9.17 -18.35
CA TRP C 131 -5.20 -8.43 -17.54
C TRP C 131 -4.10 -9.40 -17.12
N ASP C 132 -2.88 -8.89 -17.00
CA ASP C 132 -1.76 -9.71 -16.51
C ASP C 132 -1.94 -9.87 -15.01
N VAL C 133 -1.57 -11.04 -14.47
CA VAL C 133 -1.73 -11.29 -13.04
C VAL C 133 -0.52 -12.02 -12.47
N GLU C 134 -0.02 -11.51 -11.34
CA GLU C 134 1.06 -12.13 -10.58
C GLU C 134 0.72 -12.12 -9.08
N ILE C 135 1.40 -12.98 -8.33
CA ILE C 135 1.23 -13.02 -6.87
C ILE C 135 2.53 -12.67 -6.18
N VAL C 136 2.47 -11.84 -5.15
CA VAL C 136 3.63 -11.60 -4.29
C VAL C 136 3.24 -11.98 -2.87
N GLU C 137 3.96 -12.96 -2.31
CA GLU C 137 3.73 -13.38 -0.93
C GLU C 137 4.99 -13.22 -0.08
N THR C 138 4.76 -12.81 1.16
CA THR C 138 5.80 -12.49 2.11
C THR C 138 5.54 -13.23 3.43
N HIS C 139 6.57 -13.95 3.89
CA HIS C 139 6.56 -14.62 5.19
C HIS C 139 7.88 -14.38 5.91
N HIS C 140 7.88 -14.75 7.17
CA HIS C 140 9.05 -14.66 7.99
C HIS C 140 10.21 -15.52 7.45
N ARG C 141 11.41 -15.14 7.90
CA ARG C 141 12.67 -15.66 7.39
C ARG C 141 12.87 -17.18 7.53
N PHE C 142 12.16 -17.81 8.46
CA PHE C 142 12.32 -19.25 8.68
C PHE C 142 11.34 -20.14 7.93
N LYS C 143 10.41 -19.56 7.18
CA LYS C 143 9.39 -20.38 6.54
C LYS C 143 10.08 -21.32 5.56
N LYS C 144 9.87 -22.63 5.76
CA LYS C 144 10.61 -23.62 4.99
C LYS C 144 10.09 -23.77 3.55
N ASP C 145 8.79 -23.58 3.33
CA ASP C 145 8.20 -23.83 2.02
C ASP C 145 7.92 -22.53 1.23
N ALA C 146 8.33 -22.54 -0.04
CA ALA C 146 8.00 -21.48 -1.01
C ALA C 146 7.64 -22.14 -2.33
N PRO C 147 6.56 -21.69 -2.97
CA PRO C 147 5.64 -20.67 -2.52
C PRO C 147 4.77 -21.19 -1.38
N SER C 148 4.22 -20.27 -0.59
CA SER C 148 3.30 -20.64 0.49
C SER C 148 2.08 -21.37 -0.08
N GLY C 149 1.47 -22.17 0.78
CA GLY C 149 0.27 -22.90 0.41
C GLY C 149 -0.87 -21.96 0.11
N THR C 150 -0.95 -20.85 0.80
CA THR C 150 -1.99 -19.88 0.52
C THR C 150 -1.82 -19.29 -0.91
N ALA C 151 -0.59 -19.03 -1.34
CA ALA C 151 -0.34 -18.51 -2.70
C ALA C 151 -0.80 -19.54 -3.75
N ILE C 152 -0.53 -20.80 -3.46
CA ILE C 152 -0.96 -21.94 -4.32
C ILE C 152 -2.49 -22.03 -4.34
N LEU C 153 -3.13 -21.84 -3.18
CA LEU C 153 -4.60 -21.81 -3.12
C LEU C 153 -5.18 -20.64 -3.89
N LEU C 154 -4.55 -19.46 -3.79
CA LEU C 154 -5.00 -18.29 -4.55
C LEU C 154 -4.83 -18.46 -6.05
N GLU C 155 -3.70 -19.02 -6.46
CA GLU C 155 -3.45 -19.38 -7.86
C GLU C 155 -4.53 -20.32 -8.40
N SER C 156 -4.95 -21.26 -7.56
CA SER C 156 -5.98 -22.21 -7.95
C SER C 156 -7.34 -21.49 -8.10
N ALA C 157 -7.61 -20.52 -7.23
CA ALA C 157 -8.80 -19.63 -7.34
C ALA C 157 -8.81 -18.84 -8.63
N LEU C 158 -7.63 -18.40 -9.05
CA LEU C 158 -7.47 -17.68 -10.30
C LEU C 158 -7.67 -18.55 -11.53
N GLY C 159 -7.73 -19.87 -11.34
CA GLY C 159 -8.02 -20.81 -12.44
C GLY C 159 -6.91 -20.95 -13.47
N LYS C 160 -5.71 -20.52 -13.12
CA LYS C 160 -4.58 -20.64 -14.04
C LYS C 160 -3.29 -20.44 -13.28
N SER C 161 -2.22 -20.87 -13.91
CA SER C 161 -0.89 -20.70 -13.38
C SER C 161 -0.49 -19.27 -13.54
N VAL C 162 0.05 -18.70 -12.46
CA VAL C 162 0.55 -17.35 -12.47
C VAL C 162 1.91 -17.33 -11.75
N PRO C 163 2.80 -16.42 -12.17
CA PRO C 163 4.03 -16.17 -11.42
C PRO C 163 3.77 -15.87 -9.92
N ILE C 164 4.45 -16.59 -9.04
CA ILE C 164 4.44 -16.32 -7.59
C ILE C 164 5.85 -15.92 -7.12
N HIS C 165 5.94 -14.77 -6.44
CA HIS C 165 7.21 -14.28 -5.92
C HIS C 165 7.14 -14.38 -4.41
N SER C 166 8.16 -15.00 -3.82
CA SER C 166 8.16 -15.35 -2.40
C SER C 166 9.28 -14.60 -1.65
N LEU C 167 8.89 -13.69 -0.76
CA LEU C 167 9.86 -12.96 0.08
C LEU C 167 9.92 -13.63 1.43
N ARG C 168 11.12 -13.78 1.96
CA ARG C 168 11.34 -14.38 3.26
C ARG C 168 12.11 -13.40 4.14
N VAL C 169 11.37 -12.58 4.89
CA VAL C 169 11.93 -11.44 5.61
C VAL C 169 11.38 -11.36 7.02
N GLY C 170 12.29 -11.16 7.97
CA GLY C 170 11.99 -10.82 9.36
C GLY C 170 11.00 -11.75 10.02
N GLY C 171 9.99 -11.19 10.68
CA GLY C 171 8.98 -12.00 11.36
C GLY C 171 7.59 -11.91 10.80
N VAL C 172 7.46 -11.56 9.51
CA VAL C 172 6.14 -11.37 8.88
C VAL C 172 5.27 -12.61 9.04
N PRO C 173 4.14 -12.49 9.76
CA PRO C 173 3.22 -13.66 9.83
C PRO C 173 2.75 -14.21 8.49
N GLY C 174 2.40 -13.32 7.56
CA GLY C 174 1.92 -13.75 6.23
C GLY C 174 1.14 -12.68 5.49
N ASP C 175 1.73 -12.15 4.41
CA ASP C 175 1.06 -11.28 3.46
C ASP C 175 0.95 -11.96 2.10
N HIS C 176 -0.18 -11.74 1.42
CA HIS C 176 -0.37 -12.14 0.01
C HIS C 176 -0.98 -11.02 -0.84
N VAL C 177 -0.42 -10.79 -2.01
CA VAL C 177 -0.86 -9.73 -2.92
C VAL C 177 -1.12 -10.32 -4.28
N VAL C 178 -2.31 -10.07 -4.81
CA VAL C 178 -2.61 -10.40 -6.21
C VAL C 178 -2.64 -9.11 -7.02
N VAL C 179 -1.73 -9.03 -7.98
CA VAL C 179 -1.57 -7.83 -8.82
C VAL C 179 -2.13 -8.13 -10.22
N PHE C 180 -3.12 -7.33 -10.63
CA PHE C 180 -3.70 -7.38 -11.95
C PHE C 180 -3.31 -6.10 -12.67
N GLY C 181 -2.87 -6.22 -13.92
CA GLY C 181 -2.55 -5.04 -14.69
C GLY C 181 -2.99 -5.05 -16.14
N ASN C 182 -3.42 -3.91 -16.59
CA ASN C 182 -3.50 -3.66 -18.03
C ASN C 182 -2.74 -2.38 -18.38
N ILE C 183 -2.78 -1.98 -19.64
CA ILE C 183 -1.96 -0.88 -20.14
C ILE C 183 -2.15 0.42 -19.37
N GLY C 184 -3.37 0.67 -18.93
CA GLY C 184 -3.73 1.94 -18.31
C GLY C 184 -4.06 1.89 -16.82
N GLU C 185 -4.11 0.70 -16.24
CA GLU C 185 -4.48 0.52 -14.87
C GLU C 185 -3.92 -0.70 -14.17
N THR C 186 -3.91 -0.60 -12.84
CA THR C 186 -3.49 -1.71 -11.97
C THR C 186 -4.49 -1.89 -10.82
N ILE C 187 -4.69 -3.15 -10.44
CA ILE C 187 -5.45 -3.49 -9.25
C ILE C 187 -4.59 -4.41 -8.41
N GLU C 188 -4.48 -4.11 -7.12
CA GLU C 188 -3.86 -5.00 -6.14
C GLU C 188 -4.87 -5.33 -5.06
N ILE C 189 -4.98 -6.63 -4.78
CA ILE C 189 -5.77 -7.17 -3.74
C ILE C 189 -4.73 -7.71 -2.75
N LYS C 190 -4.72 -7.15 -1.55
CA LYS C 190 -3.80 -7.60 -0.50
C LYS C 190 -4.49 -8.15 0.73
N HIS C 191 -3.91 -9.20 1.31
CA HIS C 191 -4.31 -9.71 2.62
C HIS C 191 -3.07 -9.72 3.54
N ARG C 192 -3.25 -9.25 4.76
CA ARG C 192 -2.24 -9.28 5.79
C ARG C 192 -2.82 -9.99 6.99
N ALA C 193 -2.12 -11.04 7.44
CA ALA C 193 -2.34 -11.65 8.74
C ALA C 193 -1.59 -10.83 9.76
N ILE C 194 -2.33 -10.22 10.68
CA ILE C 194 -1.69 -9.49 11.76
C ILE C 194 -1.05 -10.51 12.72
N SER C 195 -1.67 -11.72 12.87
CA SER C 195 -1.38 -12.72 13.90
C SER C 195 -2.36 -13.91 13.89
N ARG C 196 -2.10 -14.85 14.79
CA ARG C 196 -2.90 -16.04 15.08
C ARG C 196 -4.34 -15.70 15.50
N THR C 197 -4.57 -14.49 15.99
CA THR C 197 -5.91 -14.08 16.38
C THR C 197 -6.91 -14.18 15.24
N VAL C 198 -6.44 -14.02 14.00
CA VAL C 198 -7.29 -14.11 12.80
C VAL C 198 -8.05 -15.45 12.72
N PHE C 199 -7.40 -16.52 13.13
CA PHE C 199 -8.00 -17.84 13.11
C PHE C 199 -9.01 -18.05 14.25
N ALA C 200 -8.75 -17.44 15.40
CA ALA C 200 -9.66 -17.50 16.55
C ALA C 200 -10.96 -16.72 16.29
N ILE C 201 -10.82 -15.60 15.59
CA ILE C 201 -11.93 -14.80 15.08
C ILE C 201 -12.80 -15.59 14.07
N GLY C 202 -12.13 -16.26 13.13
CA GLY C 202 -12.81 -17.16 12.20
C GLY C 202 -13.61 -18.22 12.96
N ALA C 203 -12.98 -18.82 13.97
CA ALA C 203 -13.60 -19.84 14.79
C ALA C 203 -14.78 -19.30 15.59
N LEU C 204 -14.67 -18.07 16.08
CA LEU C 204 -15.80 -17.41 16.74
C LEU C 204 -17.00 -17.23 15.80
N LYS C 205 -16.74 -16.74 14.62
CA LYS C 205 -17.78 -16.56 13.62
C LYS C 205 -18.44 -17.91 13.29
N ALA C 206 -17.64 -18.96 13.14
CA ALA C 206 -18.19 -20.31 12.85
C ALA C 206 -19.04 -20.81 14.01
N ALA C 207 -18.59 -20.55 15.24
CA ALA C 207 -19.31 -20.98 16.46
C ALA C 207 -20.69 -20.32 16.57
N GLU C 208 -20.71 -19.03 16.33
CA GLU C 208 -21.94 -18.28 16.41
C GLU C 208 -22.88 -18.67 15.27
N PHE C 209 -22.33 -18.93 14.08
CA PHE C 209 -23.10 -19.45 12.96
C PHE C 209 -23.78 -20.75 13.38
N LEU C 210 -23.02 -21.67 13.99
CA LEU C 210 -23.50 -23.05 14.25
C LEU C 210 -24.61 -23.13 15.28
N VAL C 211 -24.65 -22.18 16.20
CA VAL C 211 -25.72 -22.19 17.21
C VAL C 211 -27.12 -22.26 16.58
N GLY C 212 -27.89 -23.25 16.96
CA GLY C 212 -29.26 -23.38 16.48
C GLY C 212 -29.39 -24.02 15.11
N LYS C 213 -28.28 -24.33 14.46
CA LYS C 213 -28.32 -24.91 13.13
C LYS C 213 -28.71 -26.36 13.20
N ASP C 214 -29.28 -26.82 12.11
CA ASP C 214 -29.57 -28.23 11.92
C ASP C 214 -28.27 -29.00 11.79
N PRO C 215 -28.26 -30.29 12.18
CA PRO C 215 -27.07 -31.11 11.99
C PRO C 215 -26.59 -31.14 10.54
N GLY C 216 -25.29 -31.37 10.39
CA GLY C 216 -24.64 -31.51 9.09
C GLY C 216 -23.30 -30.82 9.06
N MET C 217 -22.63 -30.98 7.94
CA MET C 217 -21.37 -30.27 7.71
C MET C 217 -21.63 -28.98 6.99
N TYR C 218 -21.11 -27.88 7.52
CA TYR C 218 -21.17 -26.58 6.85
C TYR C 218 -19.74 -26.14 6.51
N SER C 219 -19.56 -25.64 5.29
CA SER C 219 -18.26 -25.12 4.89
C SER C 219 -18.08 -23.75 5.54
N PHE C 220 -16.85 -23.40 5.84
CA PHE C 220 -16.53 -22.07 6.34
C PHE C 220 -16.95 -20.99 5.32
N GLU C 221 -16.92 -21.32 4.03
CA GLU C 221 -17.41 -20.40 3.01
C GLU C 221 -18.88 -20.08 3.23
N GLU C 222 -19.68 -21.09 3.58
CA GLU C 222 -21.08 -20.82 3.85
C GLU C 222 -21.34 -20.15 5.19
N VAL C 223 -20.41 -20.30 6.15
CA VAL C 223 -20.39 -19.43 7.33
C VAL C 223 -20.22 -18.00 6.90
N ILE C 224 -19.28 -17.72 5.99
CA ILE C 224 -18.98 -16.33 5.62
C ILE C 224 -19.98 -15.78 4.61
N PHE C 225 -20.56 -16.63 3.75
CA PHE C 225 -21.37 -16.15 2.63
C PHE C 225 -22.86 -16.45 2.70
N GLY C 226 -23.31 -17.17 3.72
CA GLY C 226 -24.70 -17.67 3.76
C GLY C 226 -25.06 -18.57 2.57
N GLY C 227 -24.09 -19.31 2.05
CA GLY C 227 -24.22 -20.00 0.76
C GLY C 227 -24.88 -19.13 -0.32
N HIS D 9 23.52 -3.71 31.19
CA HIS D 9 22.70 -4.82 31.81
C HIS D 9 22.63 -4.81 33.36
N HIS D 10 21.40 -4.90 33.88
CA HIS D 10 21.13 -4.86 35.31
C HIS D 10 20.32 -6.07 35.70
N HIS D 11 20.86 -6.86 36.64
CA HIS D 11 20.23 -8.10 37.07
C HIS D 11 19.02 -7.83 37.97
N HIS D 12 17.93 -8.54 37.68
CA HIS D 12 16.73 -8.55 38.52
C HIS D 12 16.38 -7.15 39.01
N MET D 13 15.99 -6.29 38.07
CA MET D 13 15.40 -5.00 38.42
C MET D 13 14.03 -5.21 39.04
N LYS D 14 13.68 -4.35 39.98
CA LYS D 14 12.30 -4.24 40.45
C LYS D 14 11.66 -3.09 39.70
N TYR D 15 10.48 -3.32 39.15
CA TYR D 15 9.88 -2.32 38.29
C TYR D 15 8.38 -2.19 38.53
N GLY D 16 7.86 -1.03 38.16
CA GLY D 16 6.43 -0.77 38.19
C GLY D 16 5.90 -0.54 36.80
N ILE D 17 4.60 -0.78 36.62
CA ILE D 17 3.93 -0.45 35.36
C ILE D 17 2.69 0.37 35.65
N VAL D 18 2.64 1.57 35.08
CA VAL D 18 1.43 2.35 34.97
C VAL D 18 0.79 1.98 33.63
N GLY D 19 -0.44 1.50 33.69
CA GLY D 19 -1.10 0.91 32.55
C GLY D 19 -0.90 -0.59 32.47
N TYR D 20 -0.74 -1.25 33.62
CA TYR D 20 -0.34 -2.66 33.63
C TYR D 20 -1.34 -3.57 32.95
N SER D 21 -2.61 -3.17 32.99
CA SER D 21 -3.68 -4.01 32.46
C SER D 21 -3.96 -3.78 30.98
N GLY D 22 -3.43 -2.71 30.41
CA GLY D 22 -3.64 -2.41 28.99
C GLY D 22 -2.84 -3.28 28.04
N ARG D 23 -2.99 -3.05 26.75
CA ARG D 23 -2.25 -3.79 25.72
C ARG D 23 -0.74 -3.70 25.90
N MET D 24 -0.23 -2.49 26.01
CA MET D 24 1.19 -2.30 26.22
C MET D 24 1.65 -2.82 27.57
N GLY D 25 0.85 -2.57 28.60
CA GLY D 25 1.20 -3.05 29.93
C GLY D 25 1.42 -4.56 30.01
N GLN D 26 0.59 -5.34 29.34
CA GLN D 26 0.71 -6.78 29.37
C GLN D 26 1.91 -7.26 28.56
N GLU D 27 2.25 -6.53 27.51
CA GLU D 27 3.41 -6.87 26.69
C GLU D 27 4.69 -6.56 27.47
N ILE D 28 4.66 -5.50 28.25
CA ILE D 28 5.79 -5.16 29.11
C ILE D 28 6.06 -6.23 30.16
N GLN D 29 5.01 -6.69 30.85
CA GLN D 29 5.15 -7.73 31.84
C GLN D 29 5.79 -8.95 31.25
N LYS D 30 5.37 -9.32 30.05
CA LYS D 30 5.86 -10.56 29.42
C LYS D 30 7.38 -10.42 29.12
N VAL D 31 7.74 -9.29 28.52
CA VAL D 31 9.13 -9.02 28.12
C VAL D 31 10.07 -8.87 29.34
N PHE D 32 9.61 -8.14 30.35
CA PHE D 32 10.41 -7.90 31.54
C PHE D 32 10.55 -9.17 32.37
N SER D 33 9.46 -9.89 32.59
CA SER D 33 9.52 -11.13 33.35
C SER D 33 10.44 -12.15 32.69
N GLU D 34 10.42 -12.21 31.36
CA GLU D 34 11.29 -13.15 30.65
C GLU D 34 12.78 -12.85 30.86
N LYS D 35 13.12 -11.59 31.13
CA LYS D 35 14.50 -11.23 31.47
C LYS D 35 14.76 -11.29 32.99
N GLY D 36 13.81 -11.82 33.74
CA GLY D 36 13.98 -12.04 35.16
C GLY D 36 13.82 -10.79 36.02
N HIS D 37 13.07 -9.79 35.52
CA HIS D 37 12.76 -8.61 36.33
C HIS D 37 11.43 -8.79 37.07
N GLU D 38 11.30 -8.09 38.21
CA GLU D 38 10.21 -8.30 39.14
C GLU D 38 9.24 -7.13 39.17
N LEU D 39 7.97 -7.44 38.96
CA LEU D 39 6.92 -6.43 38.99
C LEU D 39 6.46 -6.17 40.42
N VAL D 40 6.71 -4.96 40.92
CA VAL D 40 6.45 -4.64 42.35
C VAL D 40 5.42 -3.53 42.56
N LEU D 41 4.87 -3.03 41.46
CA LEU D 41 3.96 -1.91 41.49
C LEU D 41 3.07 -1.97 40.28
N LYS D 42 1.76 -1.96 40.53
CA LYS D 42 0.75 -1.99 39.45
C LYS D 42 -0.21 -0.81 39.58
N VAL D 43 -0.32 -0.03 38.50
CA VAL D 43 -1.24 1.10 38.44
C VAL D 43 -2.07 1.03 37.16
N ASP D 44 -3.37 1.25 37.37
CA ASP D 44 -4.42 1.19 36.39
C ASP D 44 -5.44 2.26 36.70
N VAL D 45 -6.45 2.36 35.85
CA VAL D 45 -7.57 3.26 36.13
C VAL D 45 -8.35 2.85 37.41
N ASN D 46 -8.23 1.59 37.82
CA ASN D 46 -8.96 1.06 38.96
C ASN D 46 -8.22 1.17 40.29
N GLY D 47 -6.92 1.42 40.25
CA GLY D 47 -6.18 1.65 41.48
C GLY D 47 -4.68 1.50 41.41
N VAL D 48 -4.09 1.59 42.58
CA VAL D 48 -2.65 1.47 42.78
C VAL D 48 -2.38 0.29 43.71
N GLU D 49 -1.38 -0.51 43.35
CA GLU D 49 -1.00 -1.67 44.14
C GLU D 49 0.53 -1.61 44.31
N GLU D 50 0.96 -1.28 45.53
CA GLU D 50 2.39 -1.13 45.85
C GLU D 50 2.86 -2.34 46.64
N LEU D 51 3.68 -3.17 46.03
CA LEU D 51 4.15 -4.42 46.66
C LEU D 51 5.56 -4.27 47.26
N ASP D 52 6.39 -3.48 46.60
CA ASP D 52 7.79 -3.30 46.97
C ASP D 52 8.27 -2.00 46.27
N SER D 53 9.49 -1.58 46.53
CA SER D 53 10.02 -0.36 45.93
C SER D 53 10.64 -0.65 44.56
N PRO D 54 10.12 0.00 43.51
CA PRO D 54 10.64 -0.17 42.16
C PRO D 54 11.91 0.65 41.90
N ASP D 55 12.81 0.09 41.12
CA ASP D 55 13.97 0.81 40.65
C ASP D 55 13.59 1.72 39.49
N VAL D 56 12.61 1.28 38.71
CA VAL D 56 12.20 2.00 37.50
C VAL D 56 10.71 1.84 37.37
N VAL D 57 10.07 2.86 36.81
CA VAL D 57 8.65 2.78 36.47
C VAL D 57 8.48 2.90 34.96
N ILE D 58 7.60 2.07 34.40
CA ILE D 58 7.27 2.07 32.97
C ILE D 58 5.80 2.50 32.81
N ASP D 59 5.56 3.57 32.05
CA ASP D 59 4.23 4.14 31.90
C ASP D 59 3.80 4.20 30.44
N PHE D 60 2.88 3.30 30.09
CA PHE D 60 2.10 3.35 28.84
C PHE D 60 0.59 3.28 29.25
N SER D 61 -0.01 4.44 29.47
CA SER D 61 -1.39 4.51 29.96
C SER D 61 -2.16 5.64 29.27
N SER D 62 -2.24 6.80 29.94
CA SER D 62 -3.04 7.95 29.54
C SER D 62 -2.37 9.18 30.13
N PRO D 63 -2.45 10.35 29.47
CA PRO D 63 -1.88 11.55 30.08
C PRO D 63 -2.44 11.91 31.46
N GLU D 64 -3.70 11.52 31.73
CA GLU D 64 -4.35 11.79 33.01
C GLU D 64 -3.72 11.02 34.18
N ALA D 65 -3.04 9.93 33.85
CA ALA D 65 -2.34 9.08 34.81
C ALA D 65 -0.98 9.65 35.24
N LEU D 66 -0.41 10.54 34.44
CA LEU D 66 0.95 11.02 34.66
C LEU D 66 1.21 11.66 36.05
N PRO D 67 0.26 12.46 36.56
CA PRO D 67 0.45 12.96 37.92
C PRO D 67 0.78 11.87 38.95
N LYS D 68 0.07 10.74 38.89
CA LYS D 68 0.28 9.66 39.85
C LYS D 68 1.62 8.97 39.56
N THR D 69 1.94 8.83 38.29
CA THR D 69 3.22 8.29 37.86
C THR D 69 4.39 9.09 38.45
N VAL D 70 4.32 10.40 38.29
CA VAL D 70 5.34 11.31 38.78
C VAL D 70 5.49 11.20 40.30
N ASP D 71 4.36 11.20 41.00
CA ASP D 71 4.35 11.10 42.44
C ASP D 71 5.02 9.82 42.90
N LEU D 72 4.70 8.72 42.23
CA LEU D 72 5.28 7.45 42.55
C LEU D 72 6.79 7.42 42.30
N CYS D 73 7.23 7.95 41.17
CA CYS D 73 8.65 8.04 40.88
C CYS D 73 9.39 8.86 41.93
N LYS D 74 8.80 9.96 42.36
CA LYS D 74 9.41 10.79 43.41
C LYS D 74 9.50 10.04 44.73
N LYS D 75 8.42 9.34 45.08
CA LYS D 75 8.35 8.56 46.33
C LYS D 75 9.44 7.52 46.44
N TYR D 76 9.68 6.79 45.35
CA TYR D 76 10.64 5.67 45.37
C TYR D 76 11.98 6.01 44.72
N ARG D 77 12.18 7.29 44.39
CA ARG D 77 13.31 7.73 43.55
C ARG D 77 13.57 6.79 42.40
N ALA D 78 12.52 6.43 41.69
CA ALA D 78 12.60 5.48 40.59
C ALA D 78 12.64 6.24 39.28
N GLY D 79 13.51 5.83 38.37
CA GLY D 79 13.52 6.40 37.03
C GLY D 79 12.22 6.13 36.30
N LEU D 80 12.00 6.84 35.19
CA LEU D 80 10.75 6.72 34.44
C LEU D 80 11.01 6.46 32.95
N VAL D 81 10.42 5.38 32.44
CA VAL D 81 10.28 5.17 31.00
C VAL D 81 8.81 5.46 30.63
N LEU D 82 8.60 6.52 29.84
CA LEU D 82 7.27 7.01 29.47
C LEU D 82 6.98 6.84 27.99
N GLY D 83 5.94 6.07 27.68
CA GLY D 83 5.51 5.89 26.32
C GLY D 83 4.17 6.52 25.98
N THR D 84 3.42 6.94 27.00
CA THR D 84 2.13 7.59 26.79
C THR D 84 2.24 8.75 25.78
N THR D 85 1.26 8.81 24.87
CA THR D 85 1.24 9.83 23.83
C THR D 85 0.14 10.84 24.14
N ALA D 86 0.02 11.85 23.27
CA ALA D 86 -0.92 12.94 23.47
C ALA D 86 -0.64 13.75 24.77
N LEU D 87 0.63 13.85 25.14
CA LEU D 87 1.05 14.69 26.26
C LEU D 87 0.87 16.17 25.91
N LYS D 88 0.53 16.98 26.90
CA LYS D 88 0.35 18.41 26.74
C LYS D 88 1.49 19.15 27.42
N GLU D 89 1.53 20.47 27.26
CA GLU D 89 2.61 21.28 27.85
C GLU D 89 2.69 21.08 29.37
N GLU D 90 1.54 21.03 30.03
CA GLU D 90 1.48 20.71 31.47
C GLU D 90 2.13 19.38 31.83
N HIS D 91 1.99 18.37 30.97
CA HIS D 91 2.59 17.06 31.22
C HIS D 91 4.10 17.11 31.05
N LEU D 92 4.55 17.85 30.06
CA LEU D 92 5.96 18.04 29.83
C LEU D 92 6.62 18.80 30.99
N GLN D 93 5.88 19.74 31.56
CA GLN D 93 6.38 20.48 32.73
C GLN D 93 6.54 19.60 33.96
N MET D 94 5.57 18.72 34.22
CA MET D 94 5.68 17.84 35.38
C MET D 94 6.85 16.90 35.19
N LEU D 95 7.11 16.49 33.94
CA LEU D 95 8.23 15.62 33.60
C LEU D 95 9.56 16.29 33.83
N ARG D 96 9.67 17.53 33.40
CA ARG D 96 10.90 18.29 33.64
C ARG D 96 11.23 18.38 35.12
N GLU D 97 10.20 18.61 35.92
CA GLU D 97 10.34 18.74 37.37
C GLU D 97 10.79 17.40 37.96
N LEU D 98 10.19 16.30 37.48
CA LEU D 98 10.58 14.96 37.88
C LEU D 98 12.05 14.70 37.55
N SER D 99 12.48 15.09 36.35
CA SER D 99 13.81 14.78 35.85
C SER D 99 14.93 15.52 36.60
N LYS D 100 14.56 16.45 37.46
CA LYS D 100 15.52 17.05 38.38
C LYS D 100 15.91 16.05 39.47
N GLU D 101 15.04 15.06 39.73
CA GLU D 101 15.24 14.07 40.82
C GLU D 101 15.63 12.67 40.34
N VAL D 102 15.13 12.26 39.17
CA VAL D 102 15.37 10.91 38.65
C VAL D 102 15.69 10.97 37.16
N PRO D 103 16.29 9.89 36.63
CA PRO D 103 16.50 9.84 35.19
C PRO D 103 15.20 9.50 34.48
N VAL D 104 14.94 10.14 33.34
CA VAL D 104 13.70 9.92 32.58
C VAL D 104 13.98 9.72 31.08
N VAL D 105 13.32 8.72 30.47
CA VAL D 105 13.25 8.57 29.01
C VAL D 105 11.79 8.65 28.56
N GLN D 106 11.46 9.69 27.82
CA GLN D 106 10.15 9.88 27.24
C GLN D 106 10.27 9.77 25.71
N ALA D 107 9.43 8.92 25.13
CA ALA D 107 9.40 8.76 23.68
C ALA D 107 8.02 8.33 23.20
N TYR D 108 7.63 8.86 22.04
CA TYR D 108 6.36 8.53 21.42
C TYR D 108 6.48 7.26 20.61
N ASN D 109 7.69 6.76 20.45
CA ASN D 109 7.90 5.51 19.71
C ASN D 109 9.17 4.81 20.15
N PHE D 110 9.03 3.57 20.64
CA PHE D 110 10.18 2.80 21.14
C PHE D 110 10.78 1.66 20.21
N SER D 111 10.58 1.65 18.88
CA SER D 111 11.09 0.67 17.88
C SER D 111 12.47 1.10 17.34
N ILE D 112 13.26 0.18 16.78
CA ILE D 112 14.50 0.57 16.12
C ILE D 112 14.18 1.32 14.83
N GLY D 113 13.30 0.75 14.01
CA GLY D 113 13.07 1.26 12.67
C GLY D 113 12.64 2.71 12.60
N ILE D 114 11.72 3.12 13.47
CA ILE D 114 11.23 4.50 13.42
C ILE D 114 12.34 5.49 13.79
N ASN D 115 13.13 5.13 14.79
CA ASN D 115 14.19 5.98 15.24
C ASN D 115 15.33 6.07 14.24
N VAL D 116 15.58 5.01 13.51
CA VAL D 116 16.49 5.02 12.37
C VAL D 116 15.95 5.90 11.23
N LEU D 117 14.67 5.75 10.91
CA LEU D 117 14.05 6.51 9.82
C LEU D 117 13.99 8.01 10.09
N LYS D 118 13.81 8.38 11.35
CA LYS D 118 13.62 9.80 11.66
C LYS D 118 14.85 10.61 11.31
N ARG D 119 16.00 10.02 11.57
CA ARG D 119 17.25 10.65 11.10
C ARG D 119 17.36 10.71 9.55
N PHE D 120 16.95 9.61 8.93
CA PHE D 120 16.98 9.44 7.46
C PHE D 120 16.02 10.40 6.74
N LEU D 121 14.86 10.63 7.34
CA LEU D 121 13.90 11.57 6.81
C LEU D 121 14.37 13.03 6.96
N SER D 122 15.08 13.37 8.04
CA SER D 122 15.59 14.74 8.22
C SER D 122 16.46 15.06 7.05
N GLU D 123 17.29 14.10 6.65
CA GLU D 123 18.22 14.33 5.53
C GLU D 123 17.53 14.28 4.19
N LEU D 124 16.61 13.35 4.05
CA LEU D 124 15.90 13.19 2.78
C LEU D 124 15.02 14.39 2.39
N VAL D 125 14.36 15.01 3.37
CA VAL D 125 13.50 16.17 3.12
C VAL D 125 14.31 17.37 2.64
N LYS D 126 15.57 17.46 3.05
CA LYS D 126 16.44 18.54 2.60
C LYS D 126 16.73 18.42 1.11
N VAL D 127 16.87 17.20 0.63
CA VAL D 127 17.16 17.01 -0.79
C VAL D 127 15.89 17.09 -1.60
N LEU D 128 14.76 16.71 -1.01
CA LEU D 128 13.46 16.70 -1.71
C LEU D 128 12.57 17.82 -1.17
N GLU D 129 13.16 19.00 -1.03
CA GLU D 129 12.50 20.13 -0.38
C GLU D 129 11.30 20.64 -1.18
N ASP D 130 11.34 20.52 -2.51
CA ASP D 130 10.25 20.95 -3.37
C ASP D 130 9.20 19.87 -3.66
N TRP D 131 9.32 18.69 -3.07
CA TRP D 131 8.33 17.65 -3.27
C TRP D 131 7.22 17.82 -2.24
N ASP D 132 5.99 17.42 -2.60
CA ASP D 132 4.89 17.42 -1.64
C ASP D 132 5.10 16.26 -0.68
N VAL D 133 4.69 16.43 0.56
CA VAL D 133 4.83 15.40 1.58
C VAL D 133 3.57 15.28 2.44
N GLU D 134 3.09 14.06 2.64
CA GLU D 134 2.00 13.79 3.56
C GLU D 134 2.30 12.52 4.32
N ILE D 135 1.61 12.30 5.43
CA ILE D 135 1.78 11.06 6.23
C ILE D 135 0.46 10.29 6.29
N VAL D 136 0.56 8.97 6.14
CA VAL D 136 -0.59 8.12 6.39
C VAL D 136 -0.21 7.14 7.47
N GLU D 137 -0.92 7.22 8.60
CA GLU D 137 -0.70 6.31 9.70
C GLU D 137 -1.95 5.48 9.98
N THR D 138 -1.72 4.24 10.37
CA THR D 138 -2.77 3.29 10.63
C THR D 138 -2.52 2.57 11.97
N HIS D 139 -3.55 2.58 12.83
CA HIS D 139 -3.52 1.85 14.10
C HIS D 139 -4.86 1.15 14.30
N HIS D 140 -4.88 0.28 15.29
CA HIS D 140 -6.06 -0.48 15.69
C HIS D 140 -7.22 0.44 16.09
N ARG D 141 -8.42 -0.12 16.00
CA ARG D 141 -9.66 0.60 16.15
C ARG D 141 -9.82 1.36 17.47
N PHE D 142 -9.22 0.88 18.54
CA PHE D 142 -9.39 1.48 19.86
C PHE D 142 -8.41 2.59 20.24
N LYS D 143 -7.46 2.95 19.35
CA LYS D 143 -6.46 3.92 19.72
C LYS D 143 -7.18 5.23 19.97
N LYS D 144 -6.95 5.80 21.14
CA LYS D 144 -7.70 6.97 21.52
C LYS D 144 -7.19 8.25 20.87
N ASP D 145 -5.89 8.33 20.57
CA ASP D 145 -5.31 9.56 20.03
C ASP D 145 -5.09 9.52 18.53
N ALA D 146 -5.44 10.61 17.88
CA ALA D 146 -5.08 10.83 16.48
C ALA D 146 -4.71 12.29 16.31
N PRO D 147 -3.67 12.60 15.53
CA PRO D 147 -2.72 11.66 14.92
C PRO D 147 -1.83 10.96 15.98
N SER D 148 -1.27 9.81 15.65
CA SER D 148 -0.36 9.11 16.54
C SER D 148 0.81 10.00 16.97
N GLY D 149 1.44 9.64 18.08
CA GLY D 149 2.66 10.28 18.52
C GLY D 149 3.77 10.15 17.52
N THR D 150 3.87 8.94 16.94
CA THR D 150 4.89 8.63 15.98
C THR D 150 4.78 9.52 14.73
N ALA D 151 3.56 9.79 14.27
CA ALA D 151 3.35 10.70 13.13
C ALA D 151 3.87 12.10 13.47
N ILE D 152 3.60 12.54 14.69
CA ILE D 152 4.06 13.84 15.16
C ILE D 152 5.60 13.84 15.19
N LEU D 153 6.15 12.72 15.64
CA LEU D 153 7.59 12.53 15.69
C LEU D 153 8.22 12.61 14.30
N LEU D 154 7.58 11.95 13.35
CA LEU D 154 8.03 11.98 11.97
C LEU D 154 7.92 13.37 11.37
N GLU D 155 6.85 14.08 11.66
CA GLU D 155 6.70 15.47 11.18
C GLU D 155 7.86 16.31 11.68
N SER D 156 8.17 16.10 12.94
CA SER D 156 9.20 16.89 13.54
C SER D 156 10.58 16.61 12.91
N ALA D 157 10.81 15.35 12.52
CA ALA D 157 11.98 14.99 11.70
C ALA D 157 11.99 15.60 10.31
N LEU D 158 10.81 15.78 9.69
CA LEU D 158 10.71 16.45 8.39
C LEU D 158 10.94 17.97 8.50
N GLY D 159 10.90 18.53 9.71
CA GLY D 159 11.15 19.97 9.92
C GLY D 159 10.03 20.88 9.47
N LYS D 160 8.82 20.33 9.32
CA LYS D 160 7.66 21.09 8.87
C LYS D 160 6.40 20.32 9.24
N SER D 161 5.30 21.06 9.31
CA SER D 161 4.01 20.41 9.50
C SER D 161 3.57 19.93 8.13
N VAL D 162 2.99 18.75 8.13
CA VAL D 162 2.47 18.13 6.91
C VAL D 162 1.11 17.52 7.22
N PRO D 163 0.27 17.32 6.17
CA PRO D 163 -0.99 16.58 6.41
C PRO D 163 -0.79 15.19 6.90
N ILE D 164 -1.47 14.87 8.00
CA ILE D 164 -1.45 13.50 8.55
C ILE D 164 -2.84 12.90 8.41
N HIS D 165 -2.90 11.69 7.88
CA HIS D 165 -4.14 10.95 7.70
C HIS D 165 -4.13 9.73 8.61
N SER D 166 -5.14 9.62 9.48
CA SER D 166 -5.17 8.63 10.53
C SER D 166 -6.28 7.59 10.31
N LEU D 167 -5.89 6.37 10.01
CA LEU D 167 -6.86 5.26 9.89
C LEU D 167 -6.92 4.52 11.21
N ARG D 168 -8.12 4.17 11.64
CA ARG D 168 -8.34 3.44 12.87
C ARG D 168 -9.09 2.15 12.54
N VAL D 169 -8.32 1.10 12.26
CA VAL D 169 -8.83 -0.11 11.64
C VAL D 169 -8.33 -1.40 12.33
N GLY D 170 -9.26 -2.27 12.68
CA GLY D 170 -8.96 -3.62 13.14
C GLY D 170 -7.96 -3.67 14.28
N GLY D 171 -6.99 -4.58 14.15
CA GLY D 171 -5.97 -4.78 15.16
C GLY D 171 -4.54 -4.34 14.79
N VAL D 172 -4.42 -3.39 13.87
CA VAL D 172 -3.12 -2.96 13.34
C VAL D 172 -2.26 -2.42 14.48
N PRO D 173 -1.13 -3.11 14.80
CA PRO D 173 -0.22 -2.59 15.82
C PRO D 173 0.28 -1.17 15.58
N GLY D 174 0.65 -0.84 14.33
CA GLY D 174 1.09 0.50 13.96
C GLY D 174 1.86 0.58 12.66
N ASP D 175 1.26 1.21 11.63
CA ASP D 175 1.92 1.54 10.36
C ASP D 175 2.03 3.07 10.16
N HIS D 176 3.16 3.50 9.62
CA HIS D 176 3.35 4.87 9.17
C HIS D 176 4.00 4.90 7.80
N VAL D 177 3.43 5.74 6.93
CA VAL D 177 3.92 5.93 5.59
C VAL D 177 4.13 7.41 5.35
N VAL D 178 5.35 7.76 4.95
CA VAL D 178 5.63 9.14 4.53
C VAL D 178 5.68 9.10 3.01
N VAL D 179 4.82 9.90 2.40
CA VAL D 179 4.69 9.98 0.95
C VAL D 179 5.30 11.29 0.45
N PHE D 180 6.30 11.18 -0.41
CA PHE D 180 6.88 12.32 -1.13
C PHE D 180 6.44 12.26 -2.59
N GLY D 181 6.03 13.38 -3.15
CA GLY D 181 5.61 13.41 -4.54
C GLY D 181 6.02 14.62 -5.35
N ASN D 182 6.43 14.31 -6.56
CA ASN D 182 6.70 15.24 -7.60
C ASN D 182 5.77 15.03 -8.79
N ILE D 183 5.87 15.88 -9.80
CA ILE D 183 5.06 15.71 -10.99
C ILE D 183 5.30 14.36 -11.70
N GLY D 184 6.53 13.85 -11.70
CA GLY D 184 6.85 12.63 -12.44
C GLY D 184 7.15 11.41 -11.60
N GLU D 185 7.20 11.57 -10.28
CA GLU D 185 7.59 10.44 -9.43
C GLU D 185 7.11 10.58 -8.01
N THR D 186 7.00 9.43 -7.34
CA THR D 186 6.68 9.36 -5.91
C THR D 186 7.61 8.43 -5.18
N ILE D 187 7.81 8.74 -3.91
CA ILE D 187 8.57 7.94 -2.97
C ILE D 187 7.73 7.72 -1.70
N GLU D 188 7.64 6.47 -1.25
CA GLU D 188 7.03 6.15 0.02
C GLU D 188 8.02 5.44 0.89
N ILE D 189 8.09 5.91 2.13
CA ILE D 189 8.92 5.36 3.19
C ILE D 189 7.94 4.84 4.22
N LYS D 190 7.86 3.52 4.35
CA LYS D 190 6.88 2.87 5.19
C LYS D 190 7.55 2.09 6.32
N HIS D 191 6.97 2.18 7.51
CA HIS D 191 7.36 1.35 8.63
C HIS D 191 6.13 0.62 9.17
N ARG D 192 6.30 -0.67 9.47
CA ARG D 192 5.30 -1.50 10.08
C ARG D 192 5.86 -2.13 11.36
N ALA D 193 5.16 -1.90 12.46
CA ALA D 193 5.39 -2.66 13.70
C ALA D 193 4.60 -3.96 13.56
N ILE D 194 5.31 -5.08 13.49
CA ILE D 194 4.69 -6.38 13.32
C ILE D 194 3.97 -6.75 14.59
N SER D 195 4.59 -6.49 15.72
CA SER D 195 3.82 -6.56 16.93
C SER D 195 4.17 -5.47 17.91
N ARG D 196 3.32 -5.37 18.92
CA ARG D 196 3.55 -4.51 20.08
C ARG D 196 4.77 -4.90 20.92
N THR D 197 5.24 -6.14 20.80
CA THR D 197 6.40 -6.55 21.57
C THR D 197 7.61 -5.68 21.31
N VAL D 198 7.73 -5.18 20.08
CA VAL D 198 8.87 -4.33 19.71
C VAL D 198 9.00 -3.07 20.59
N PHE D 199 7.87 -2.52 21.00
CA PHE D 199 7.85 -1.35 21.87
C PHE D 199 8.22 -1.69 23.30
N ALA D 200 7.78 -2.85 23.78
CA ALA D 200 8.09 -3.32 25.14
C ALA D 200 9.59 -3.61 25.27
N ILE D 201 10.18 -4.18 24.23
CA ILE D 201 11.60 -4.40 24.15
C ILE D 201 12.38 -3.08 24.18
N GLY D 202 11.90 -2.09 23.44
CA GLY D 202 12.48 -0.75 23.49
C GLY D 202 12.42 -0.18 24.90
N ALA D 203 11.27 -0.33 25.54
CA ALA D 203 11.07 0.13 26.92
C ALA D 203 12.03 -0.56 27.88
N LEU D 204 12.26 -1.85 27.69
CA LEU D 204 13.21 -2.58 28.50
C LEU D 204 14.64 -2.06 28.32
N LYS D 205 15.03 -1.80 27.07
CA LYS D 205 16.33 -1.22 26.82
C LYS D 205 16.44 0.13 27.54
N ALA D 206 15.38 0.92 27.49
CA ALA D 206 15.40 2.25 28.09
C ALA D 206 15.50 2.15 29.62
N ALA D 207 14.79 1.17 30.21
CA ALA D 207 14.81 0.95 31.66
C ALA D 207 16.21 0.54 32.12
N GLU D 208 16.84 -0.34 31.37
CA GLU D 208 18.18 -0.80 31.73
C GLU D 208 19.17 0.36 31.64
N PHE D 209 19.03 1.16 30.59
CA PHE D 209 19.87 2.35 30.38
C PHE D 209 19.77 3.29 31.58
N LEU D 210 18.56 3.54 32.04
CA LEU D 210 18.28 4.50 33.12
C LEU D 210 18.83 4.13 34.48
N VAL D 211 18.90 2.83 34.78
CA VAL D 211 19.36 2.41 36.10
C VAL D 211 20.79 2.92 36.36
N GLY D 212 20.93 3.65 37.45
CA GLY D 212 22.20 4.24 37.83
C GLY D 212 22.54 5.56 37.18
N LYS D 213 21.72 6.03 36.25
CA LYS D 213 22.01 7.28 35.56
C LYS D 213 21.73 8.46 36.47
N ASP D 214 22.44 9.56 36.22
CA ASP D 214 22.15 10.82 36.87
C ASP D 214 20.78 11.32 36.39
N PRO D 215 20.09 12.10 37.25
CA PRO D 215 18.83 12.74 36.81
C PRO D 215 18.93 13.54 35.51
N GLY D 216 17.83 13.57 34.77
CA GLY D 216 17.74 14.38 33.57
C GLY D 216 16.86 13.68 32.56
N MET D 217 16.64 14.35 31.44
CA MET D 217 15.89 13.77 30.34
C MET D 217 16.88 13.21 29.35
N TYR D 218 16.67 11.96 28.95
CA TYR D 218 17.52 11.30 27.97
C TYR D 218 16.63 10.93 26.81
N SER D 219 17.16 11.10 25.61
CA SER D 219 16.45 10.70 24.41
C SER D 219 16.60 9.20 24.21
N PHE D 220 15.58 8.57 23.63
CA PHE D 220 15.69 7.16 23.28
C PHE D 220 16.80 6.97 22.22
N GLU D 221 17.06 7.96 21.38
CA GLU D 221 18.22 7.86 20.47
C GLU D 221 19.51 7.64 21.22
N GLU D 222 19.65 8.31 22.35
CA GLU D 222 20.82 8.11 23.21
C GLU D 222 20.83 6.73 23.82
N VAL D 223 19.67 6.24 24.21
CA VAL D 223 19.56 4.88 24.68
C VAL D 223 20.10 3.94 23.63
N ILE D 224 19.72 4.13 22.38
CA ILE D 224 20.09 3.16 21.34
C ILE D 224 21.36 3.45 20.52
N PHE D 225 21.79 4.71 20.34
CA PHE D 225 22.91 5.00 19.40
C PHE D 225 24.28 5.33 20.03
C ACT E . 11.59 0.22 -19.20
O ACT E . 10.70 0.71 -19.94
OXT ACT E . 12.17 -0.78 -19.67
CH3 ACT E . 11.93 0.79 -17.86
C ACT F . 15.45 -0.14 -16.02
O ACT F . 15.50 -1.36 -16.34
OXT ACT F . 15.53 0.16 -14.79
CH3 ACT F . 15.28 0.90 -17.07
PA NAD G . 11.36 0.25 -27.23
O1A NAD G . 11.21 -1.20 -27.47
O2A NAD G . 10.11 1.03 -27.32
O5B NAD G . 12.36 0.93 -28.29
C5B NAD G . 13.61 0.44 -28.68
C4B NAD G . 14.16 1.46 -29.68
O4B NAD G . 15.45 1.02 -30.05
C3B NAD G . 13.36 1.49 -30.98
O3B NAD G . 13.46 2.73 -31.62
C2B NAD G . 14.05 0.43 -31.82
O2B NAD G . 13.81 0.62 -33.20
C1B NAD G . 15.50 0.67 -31.42
N9A NAD G . 16.41 -0.49 -31.66
C8A NAD G . 16.29 -1.79 -31.22
N7A NAD G . 17.37 -2.50 -31.67
C5A NAD G . 18.17 -1.66 -32.39
C6A NAD G . 19.37 -1.83 -33.08
N6A NAD G . 19.96 -3.03 -33.13
N1A NAD G . 19.96 -0.76 -33.72
C2A NAD G . 19.35 0.48 -33.70
N3A NAD G . 18.15 0.65 -33.03
C4A NAD G . 17.57 -0.40 -32.39
O3 NAD G . 12.05 0.32 -25.77
PN NAD G . 11.88 1.45 -24.66
O1N NAD G . 10.84 0.99 -23.69
O2N NAD G . 11.85 2.82 -25.26
O5D NAD G . 13.29 1.29 -23.90
C5D NAD G . 14.52 1.44 -24.57
C4D NAD G . 15.67 1.16 -23.60
O4D NAD G . 15.66 2.18 -22.62
C3D NAD G . 15.56 -0.16 -22.87
O3D NAD G . 16.84 -0.76 -22.77
C2D NAD G . 14.99 0.26 -21.51
O2D NAD G . 15.26 -0.60 -20.45
C1D NAD G . 15.71 1.58 -21.35
N1N NAD G . 15.16 2.52 -20.39
C2N NAD G . 16.07 3.10 -19.57
C3N NAD G . 15.65 4.05 -18.67
C7N NAD G . 16.70 4.87 -18.00
O7N NAD G . 16.27 5.90 -17.19
N7N NAD G . 17.99 4.63 -18.16
C4N NAD G . 14.30 4.39 -18.58
C5N NAD G . 13.38 3.78 -19.43
C6N NAD G . 13.81 2.84 -20.36
C ACT H . 0.01 11.24 -16.37
O ACT H . -1.21 11.30 -16.69
OXT ACT H . 0.76 10.50 -17.07
CH3 ACT H . 0.62 12.02 -15.22
C ACT I . -8.61 14.07 -11.40
O ACT I . -9.20 15.05 -10.89
OXT ACT I . -7.59 14.32 -12.07
CH3 ACT I . -9.06 12.62 -11.28
C ACT J . -2.82 2.26 3.47
O ACT J . -3.33 1.96 2.37
OXT ACT J . -3.34 1.74 4.50
CH3 ACT J . -1.63 3.17 3.56
C ACT K . -24.71 -2.79 -0.18
O ACT K . -24.66 -1.70 -0.82
OXT ACT K . -24.35 -3.79 -0.82
CH3 ACT K . -25.18 -2.93 1.26
C ACT L . -11.01 2.40 -20.45
O ACT L . -10.60 3.42 -19.87
OXT ACT L . -10.19 1.68 -21.12
CH3 ACT L . -12.49 2.14 -20.26
C ACT M . -12.58 11.83 -9.37
O ACT M . -12.61 10.68 -8.87
OXT ACT M . -12.70 12.84 -8.61
CH3 ACT M . -12.37 11.99 -10.82
PA NAD N . -8.85 21.45 -15.15
O1A NAD N . -8.82 22.59 -14.18
O2A NAD N . -7.54 21.17 -15.74
O5B NAD N . -9.78 21.83 -16.38
C5B NAD N . -10.98 22.55 -16.23
C4B NAD N . -11.50 23.01 -17.57
O4B NAD N . -12.82 23.46 -17.31
C3B NAD N . -10.75 24.17 -18.20
O3B NAD N . -10.90 24.12 -19.61
C2B NAD N . -11.52 25.33 -17.63
O2B NAD N . -11.36 26.51 -18.37
C1B NAD N . -12.96 24.81 -17.68
N9A NAD N . -13.92 25.41 -16.74
C8A NAD N . -13.80 25.46 -15.37
N7A NAD N . -14.88 26.08 -14.84
C5A NAD N . -15.69 26.41 -15.86
C6A NAD N . -16.92 27.06 -15.87
N6A NAD N . -17.51 27.36 -14.70
N1A NAD N . -17.52 27.29 -17.08
C2A NAD N . -16.93 26.87 -18.26
N3A NAD N . -15.70 26.24 -18.27
C4A NAD N . -15.10 25.99 -17.06
O3 NAD N . -9.50 20.14 -14.43
PN NAD N . -9.37 18.60 -14.92
O1N NAD N . -8.29 17.93 -14.18
O2N NAD N . -9.40 18.56 -16.41
O5D NAD N . -10.75 17.90 -14.41
C5D NAD N . -11.97 18.41 -14.87
C4D NAD N . -13.11 17.62 -14.29
O4D NAD N . -13.00 16.27 -14.72
C3D NAD N . -13.07 17.65 -12.76
O3D NAD N . -14.38 17.81 -12.26
C2D NAD N . -12.43 16.30 -12.45
O2D NAD N . -12.65 15.80 -11.18
C1D NAD N . -13.07 15.48 -13.55
N1N NAD N . -12.48 14.18 -13.88
C2N NAD N . -13.34 13.15 -14.05
C3N NAD N . -12.84 11.92 -14.44
C7N NAD N . -13.80 10.85 -14.84
O7N NAD N . -13.30 9.66 -15.33
N7N NAD N . -15.11 11.02 -14.70
C4N NAD N . -11.47 11.74 -14.61
C5N NAD N . -10.62 12.80 -14.45
C6N NAD N . -11.13 14.04 -14.11
O1 PG4 O . -10.19 24.86 -34.35
C1 PG4 O . -10.40 23.50 -34.76
C2 PG4 O . -10.02 22.52 -33.65
O2 PG4 O . -9.14 23.14 -32.69
C3 PG4 O . -8.04 22.33 -32.26
C4 PG4 O . -7.70 22.54 -30.78
O3 PG4 O . -7.59 23.92 -30.45
C5 PG4 O . -7.13 24.14 -29.11
C6 PG4 O . -6.76 25.61 -28.92
O4 PG4 O . -7.92 26.45 -29.07
C7 PG4 O . -7.75 27.76 -28.48
C8 PG4 O . -8.79 28.74 -29.00
O5 PG4 O . -9.70 28.10 -29.91
O1 PG4 P . -25.15 7.58 -4.76
C1 PG4 P . -24.01 8.31 -5.21
C2 PG4 P . -23.66 7.85 -6.62
O2 PG4 P . -22.38 8.37 -6.97
C3 PG4 P . -22.39 9.20 -8.14
C4 PG4 P . -22.95 10.57 -7.75
O3 PG4 P . -23.10 11.38 -8.90
C5 PG4 P . -24.21 12.28 -8.91
C6 PG4 P . -24.14 13.35 -7.82
O4 PG4 P . -25.31 13.22 -7.02
C7 PG4 P . -25.61 14.31 -6.16
C8 PG4 P . -26.37 13.81 -4.94
O5 PG4 P . -25.52 12.97 -4.13
C4 PG4 Q . -19.41 -7.34 -15.29
O3 PG4 Q . -19.01 -6.87 -13.99
C5 PG4 Q . -19.31 -7.85 -12.99
C6 PG4 Q . -18.74 -7.44 -11.65
O4 PG4 Q . -19.25 -8.30 -10.62
C7 PG4 Q . -20.31 -7.78 -9.84
C8 PG4 Q . -21.22 -8.86 -9.29
O5 PG4 Q . -22.58 -8.38 -9.31
C ACT R . -26.39 -25.77 18.62
O ACT R . -27.43 -26.01 17.95
OXT ACT R . -26.55 -25.06 19.63
CH3 ACT R . -25.07 -26.32 18.21
C ACT S . -18.03 -11.85 -3.89
O ACT S . -17.15 -11.58 -4.75
OXT ACT S . -17.79 -11.44 -2.73
CH3 ACT S . -19.30 -12.62 -4.18
PA NAD T . -0.21 -26.30 20.38
O1A NAD T . 0.87 -27.31 20.31
O2A NAD T . 0.19 -25.02 21.02
O5B NAD T . -1.49 -26.76 21.22
C5B NAD T . -1.86 -28.11 21.14
C4B NAD T . -2.99 -28.37 22.10
O4B NAD T . -3.47 -29.66 21.77
C3B NAD T . -2.55 -28.41 23.56
O3B NAD T . -3.54 -27.80 24.37
C2B NAD T . -2.44 -29.90 23.85
O2B NAD T . -2.75 -30.30 25.17
C1B NAD T . -3.52 -30.44 22.94
N9A NAD T . -3.35 -31.86 22.60
C8A NAD T . -2.39 -32.43 21.81
N7A NAD T . -2.66 -33.76 21.73
C5A NAD T . -3.79 -34.01 22.46
C6A NAD T . -4.50 -35.19 22.71
N6A NAD T . -4.26 -36.26 21.97
N1A NAD T . -5.64 -35.13 23.49
C2A NAD T . -6.06 -33.92 24.02
N3A NAD T . -5.35 -32.75 23.77
C4A NAD T . -4.24 -32.82 22.99
O3 NAD T . -0.63 -26.19 18.80
PN NAD T . -1.49 -25.02 18.07
O1N NAD T . -0.53 -24.11 17.42
O2N NAD T . -2.52 -24.53 19.07
O5D NAD T . -2.24 -25.87 16.91
C5D NAD T . -3.31 -26.72 17.28
C4D NAD T . -3.89 -27.33 16.02
O4D NAD T . -4.46 -26.25 15.33
C3D NAD T . -2.87 -27.95 15.07
O3D NAD T . -3.37 -29.14 14.45
C2D NAD T . -2.63 -26.86 14.05
O2D NAD T . -2.23 -27.37 12.80
C1D NAD T . -4.01 -26.25 13.98
N1N NAD T . -4.14 -24.88 13.42
C2N NAD T . -5.28 -24.63 12.69
C3N NAD T . -5.52 -23.37 12.13
C7N NAD T . -6.77 -23.16 11.31
O7N NAD T . -7.23 -21.87 11.03
N7N NAD T . -7.43 -24.23 10.87
C4N NAD T . -4.60 -22.34 12.35
C5N NAD T . -3.46 -22.60 13.12
C6N NAD T . -3.24 -23.87 13.67
C1 EDO U . -24.29 -35.43 7.32
O1 EDO U . -23.19 -34.50 7.31
C2 EDO U . -25.41 -34.94 6.39
O2 EDO U . -26.34 -34.07 7.06
O1 PG4 V . 0.68 -16.38 13.17
C1 PG4 V . -0.28 -16.23 12.11
C2 PG4 V . 0.38 -16.75 10.86
O2 PG4 V . -0.56 -16.70 9.81
C3 PG4 V . -0.18 -17.46 8.65
C4 PG4 V . -0.36 -18.97 8.82
O3 PG4 V . -1.10 -19.55 7.72
C5 PG4 V . -1.35 -20.96 7.88
C6 PG4 V . -2.81 -21.38 7.65
O4 PG4 V . -3.29 -22.24 8.70
C7 PG4 V . -2.70 -23.54 8.73
C8 PG4 V . -2.19 -23.89 10.13
O5 PG4 V . -1.24 -24.99 10.10
C ACT W . -3.64 8.18 24.57
O ACT W . -2.50 8.61 25.00
OXT ACT W . -3.76 7.24 23.68
CH3 ACT W . -4.86 8.78 25.16
C ACT X . 1.84 6.32 18.78
O ACT X . 0.90 7.13 19.08
OXT ACT X . 2.66 6.61 17.87
CH3 ACT X . 1.99 5.02 19.50
PA NAD Y . -4.84 0.58 26.62
O1A NAD Y . -6.12 1.30 26.64
O2A NAD Y . -4.85 -0.78 26.05
O5B NAD Y . -4.39 0.57 28.15
C5B NAD Y . -4.46 1.76 28.88
C4B NAD Y . -3.91 1.47 30.26
O4B NAD Y . -3.81 2.70 30.94
C3B NAD Y . -4.87 0.58 31.07
O3B NAD Y . -4.17 -0.24 31.97
C2B NAD Y . -5.70 1.59 31.81
O2B NAD Y . -6.31 1.08 32.96
C1B NAD Y . -4.62 2.61 32.10
N9A NAD Y . -5.18 3.91 32.42
C8A NAD Y . -6.02 4.68 31.66
N7A NAD Y . -6.29 5.81 32.36
C5A NAD Y . -5.62 5.76 33.54
C6A NAD Y . -5.54 6.62 34.64
N6A NAD Y . -6.28 7.73 34.70
N1A NAD Y . -4.75 6.28 35.71
C2A NAD Y . -4.06 5.09 35.72
N3A NAD Y . -4.15 4.22 34.64
C4A NAD Y . -4.93 4.56 33.58
O3 NAD Y . -3.74 1.50 25.87
PN NAD Y . -2.46 0.96 25.08
O1N NAD Y . -2.76 0.45 23.75
O2N NAD Y . -1.70 0.11 26.00
O5D NAD Y . -1.62 2.31 24.95
C5D NAD Y . -1.50 3.22 26.04
C4D NAD Y . -0.50 4.30 25.66
O4D NAD Y . 0.69 3.78 25.07
C3D NAD Y . -1.13 5.24 24.65
O3D NAD Y . -0.78 6.58 24.96
C2D NAD Y . -0.52 4.74 23.34
O2D NAD Y . -0.60 5.73 22.35
C1D NAD Y . 0.88 4.43 23.84
N1N NAD Y . 1.83 3.65 23.01
C2N NAD Y . 3.12 4.09 22.98
C3N NAD Y . 4.08 3.37 22.28
C7N NAD Y . 5.48 3.89 22.21
O7N NAD Y . 6.41 3.20 21.44
N7N NAD Y . 5.80 5.01 22.84
C4N NAD Y . 3.75 2.21 21.59
C5N NAD Y . 2.44 1.77 21.68
C6N NAD Y . 1.49 2.49 22.38
#